data_9DZ2
#
_entry.id   9DZ2
#
_cell.length_a   1.00
_cell.length_b   1.00
_cell.length_c   1.00
_cell.angle_alpha   90.00
_cell.angle_beta   90.00
_cell.angle_gamma   90.00
#
_symmetry.space_group_name_H-M   'P 1'
#
loop_
_entity.id
_entity.type
_entity.pdbx_description
1 polymer 'NPC intracellular cholesterol transporter 1'
2 polymer 'Envelope glycoprotein'
3 polymer 'Shed GP'
#
loop_
_entity_poly.entity_id
_entity_poly.type
_entity_poly.pdbx_seq_one_letter_code
_entity_poly.pdbx_strand_id
1 'polypeptide(L)'
;MDAMKRGLCCVLLLCGAVFVSASTTNPVDLWSAPSSQARLEKEYFDQHFGPFFRTEQLIIRAPLTDKHIYQPYPSGADVP
FGPPLDIQILHQVLDLQIAIENITASYDNETVTLQDICLAPLSPYNTNCTILSVLNYFQNSHSVLDHKKGDDFFVYADYH
THFLYCVRAPASLNDTSLLHDPCLGTFGGPVFPWLVLGGYDDQNYNNATALVITFPVNNYYNDTEKLQRAQAWEKEFINF
VKNYKNPNLTISFTAERSIEDELNRESDSDGSWSHPQFEK
;
C,D
2 'polypeptide(L)'
;MGGLSLLQLPRDKFRKSSFFVWVIILFQKAFSMPLGVVTNSTLEVTEIDQLVCKDHLASTDQLKSVGLNLEGSGVSTDIP
SATKRWGFRSGVPPKVVSYEAGEWAENCYNLEIKKPDGSECLPPPPDGVRGFPRCRYVHKAQGTGPCPGDYAFHKDGAFF
LYDRLASTVIYRGVNFAEGVIAFLILAKPKETFLQ
;
I,A,E
3 'polypeptide(L)'
;GKCNPNLHYWTAQEQHNAAGIAWIPYFGPGAEGIYTEGLMHNQNALVCGLRQLANETTQALQLFLRATTELRTYTILNRK
AIDFLLRRWGGTCRILGPDCCIEPHDWTKNITDKINQIIHDFIDNPLPNGSGYIPEAPRDGQAYVRKDGEWVLLSTFLGH
HHHHH
;
J,B,F
#
# COMPACT_ATOMS: atom_id res chain seq x y z
N LEU A 40 -24.70 -43.83 -26.95
CA LEU A 40 -24.92 -44.29 -25.58
C LEU A 40 -26.28 -43.89 -25.06
N GLU A 41 -26.89 -42.88 -25.70
CA GLU A 41 -28.19 -42.40 -25.24
C GLU A 41 -29.30 -43.36 -25.64
N LYS A 42 -29.51 -43.55 -26.94
CA LYS A 42 -30.55 -44.46 -27.40
C LYS A 42 -30.21 -45.92 -27.12
N GLU A 43 -28.93 -46.23 -26.88
CA GLU A 43 -28.57 -47.57 -26.47
C GLU A 43 -29.18 -47.93 -25.13
N TYR A 44 -29.18 -46.97 -24.19
CA TYR A 44 -29.76 -47.23 -22.87
C TYR A 44 -31.27 -47.40 -22.95
N PHE A 45 -31.95 -46.57 -23.74
CA PHE A 45 -33.40 -46.64 -23.85
C PHE A 45 -33.90 -47.87 -24.59
N ASP A 46 -33.01 -48.65 -25.20
CA ASP A 46 -33.41 -49.86 -25.91
C ASP A 46 -32.97 -51.14 -25.21
N GLN A 47 -32.13 -51.05 -24.19
CA GLN A 47 -31.67 -52.23 -23.46
C GLN A 47 -32.42 -52.45 -22.15
N HIS A 48 -32.73 -51.40 -21.40
CA HIS A 48 -33.54 -51.47 -20.19
C HIS A 48 -34.92 -50.87 -20.40
N PHE A 49 -34.99 -49.69 -21.00
CA PHE A 49 -36.24 -49.01 -21.31
C PHE A 49 -36.85 -49.45 -22.64
N GLY A 50 -36.62 -50.69 -23.04
CA GLY A 50 -37.29 -51.30 -24.17
C GLY A 50 -38.79 -51.10 -24.12
N PRO A 51 -39.49 -51.41 -25.20
CA PRO A 51 -40.82 -50.82 -25.43
C PRO A 51 -41.88 -51.23 -24.41
N PHE A 52 -41.44 -51.89 -23.34
CA PHE A 52 -42.26 -52.07 -22.15
C PHE A 52 -42.29 -50.83 -21.26
N PHE A 53 -41.51 -49.81 -21.58
CA PHE A 53 -41.41 -48.60 -20.75
C PHE A 53 -41.40 -47.36 -21.63
N ARG A 54 -42.16 -46.34 -21.22
CA ARG A 54 -42.16 -45.04 -21.87
C ARG A 54 -41.35 -44.06 -21.03
N THR A 55 -40.79 -43.05 -21.70
CA THR A 55 -39.91 -42.10 -21.06
C THR A 55 -40.40 -40.67 -21.26
N GLU A 56 -40.31 -39.86 -20.20
CA GLU A 56 -40.59 -38.43 -20.26
C GLU A 56 -39.28 -37.68 -20.08
N GLN A 57 -38.94 -36.83 -21.04
CA GLN A 57 -37.66 -36.13 -21.04
C GLN A 57 -37.88 -34.67 -21.43
N LEU A 58 -37.01 -33.79 -20.92
CA LEU A 58 -37.12 -32.36 -21.14
C LEU A 58 -35.75 -31.74 -21.41
N ILE A 59 -35.75 -30.72 -22.26
CA ILE A 59 -34.55 -29.93 -22.53
C ILE A 59 -34.28 -28.99 -21.37
N ILE A 60 -33.02 -28.93 -20.93
CA ILE A 60 -32.64 -28.09 -19.80
C ILE A 60 -31.36 -27.35 -20.15
N ARG A 61 -31.37 -26.03 -20.01
CA ARG A 61 -30.23 -25.18 -20.31
C ARG A 61 -30.46 -23.84 -19.62
N ALA A 62 -29.37 -23.25 -19.12
CA ALA A 62 -29.46 -22.01 -18.36
C ALA A 62 -29.46 -20.83 -19.31
N PRO A 63 -30.55 -20.06 -19.41
CA PRO A 63 -30.57 -18.92 -20.32
C PRO A 63 -29.87 -17.68 -19.76
N LEU A 64 -29.97 -17.49 -18.44
CA LEU A 64 -29.49 -16.26 -17.82
C LEU A 64 -28.03 -16.34 -17.40
N THR A 65 -27.67 -17.36 -16.62
CA THR A 65 -26.34 -17.42 -16.03
C THR A 65 -25.32 -17.95 -17.04
N ASP A 66 -24.10 -18.19 -16.56
CA ASP A 66 -23.02 -18.70 -17.39
C ASP A 66 -22.26 -19.75 -16.60
N LYS A 67 -21.08 -20.10 -17.07
CA LYS A 67 -20.30 -21.20 -16.51
C LYS A 67 -19.28 -20.66 -15.53
N HIS A 68 -19.16 -21.32 -14.37
CA HIS A 68 -18.22 -20.88 -13.34
C HIS A 68 -17.10 -21.90 -13.18
N ILE A 69 -16.11 -21.53 -12.37
CA ILE A 69 -14.88 -22.30 -12.21
C ILE A 69 -14.76 -22.74 -10.76
N TYR A 70 -14.30 -23.98 -10.56
CA TYR A 70 -14.08 -24.55 -9.24
C TYR A 70 -12.71 -25.23 -9.24
N GLN A 71 -12.08 -25.26 -8.07
CA GLN A 71 -10.79 -25.90 -7.91
C GLN A 71 -10.80 -26.88 -6.74
N PRO A 72 -10.12 -28.01 -6.87
CA PRO A 72 -10.12 -29.02 -5.79
C PRO A 72 -9.37 -28.53 -4.57
N TYR A 73 -9.55 -29.25 -3.46
CA TYR A 73 -8.98 -28.79 -2.20
C TYR A 73 -7.47 -29.01 -2.11
N PRO A 74 -6.93 -30.24 -2.31
CA PRO A 74 -5.49 -30.41 -2.06
C PRO A 74 -4.58 -29.69 -3.05
N SER A 75 -4.52 -30.17 -4.29
CA SER A 75 -3.97 -29.39 -5.40
C SER A 75 -4.92 -29.40 -6.58
N GLY A 76 -5.25 -30.60 -7.05
CA GLY A 76 -6.12 -30.79 -8.20
C GLY A 76 -5.76 -29.91 -9.38
N ALA A 77 -6.78 -29.57 -10.16
CA ALA A 77 -6.67 -28.63 -11.26
C ALA A 77 -8.01 -27.94 -11.44
N ASP A 78 -8.00 -26.62 -11.56
CA ASP A 78 -9.23 -25.84 -11.66
C ASP A 78 -10.10 -26.32 -12.81
N VAL A 79 -11.29 -26.81 -12.48
CA VAL A 79 -12.23 -27.38 -13.44
C VAL A 79 -13.44 -26.46 -13.52
N PRO A 80 -13.79 -25.96 -14.70
CA PRO A 80 -15.00 -25.13 -14.83
C PRO A 80 -16.27 -25.96 -14.95
N PHE A 81 -17.36 -25.40 -14.44
CA PHE A 81 -18.67 -26.05 -14.45
C PHE A 81 -19.59 -25.35 -15.43
N GLY A 82 -20.44 -26.14 -16.10
CA GLY A 82 -21.42 -25.62 -17.01
C GLY A 82 -22.41 -24.69 -16.34
N PRO A 83 -23.13 -23.93 -17.16
CA PRO A 83 -24.06 -22.91 -16.64
C PRO A 83 -25.10 -23.48 -15.69
N PRO A 84 -25.76 -24.63 -16.00
CA PRO A 84 -26.86 -25.07 -15.11
C PRO A 84 -26.38 -25.68 -13.81
N LEU A 85 -25.08 -25.62 -13.53
CA LEU A 85 -24.50 -26.16 -12.32
C LEU A 85 -24.22 -25.10 -11.26
N ASP A 86 -24.79 -23.90 -11.40
CA ASP A 86 -24.56 -22.82 -10.46
C ASP A 86 -25.76 -22.74 -9.50
N ILE A 87 -25.47 -22.72 -8.20
CA ILE A 87 -26.53 -22.87 -7.20
C ILE A 87 -27.45 -21.67 -7.11
N GLN A 88 -27.03 -20.49 -7.58
CA GLN A 88 -27.97 -19.37 -7.66
C GLN A 88 -29.16 -19.71 -8.55
N ILE A 89 -28.99 -20.68 -9.45
CA ILE A 89 -30.08 -21.14 -10.30
C ILE A 89 -30.34 -22.64 -10.14
N LEU A 90 -29.39 -23.40 -9.60
CA LEU A 90 -29.52 -24.85 -9.54
C LEU A 90 -30.63 -25.31 -8.60
N HIS A 91 -31.02 -24.49 -7.63
CA HIS A 91 -32.16 -24.85 -6.80
C HIS A 91 -33.44 -24.98 -7.60
N GLN A 92 -33.54 -24.24 -8.72
CA GLN A 92 -34.79 -24.23 -9.48
C GLN A 92 -35.01 -25.55 -10.21
N VAL A 93 -33.96 -26.13 -10.80
CA VAL A 93 -34.12 -27.36 -11.57
C VAL A 93 -34.57 -28.52 -10.69
N LEU A 94 -34.33 -28.44 -9.38
CA LEU A 94 -34.82 -29.46 -8.46
C LEU A 94 -36.22 -29.16 -7.96
N ASP A 95 -36.61 -27.90 -7.89
CA ASP A 95 -37.98 -27.56 -7.53
C ASP A 95 -38.97 -28.10 -8.57
N LEU A 96 -38.58 -28.08 -9.84
CA LEU A 96 -39.46 -28.55 -10.90
C LEU A 96 -39.71 -30.06 -10.79
N GLN A 97 -38.66 -30.84 -10.51
CA GLN A 97 -38.81 -32.29 -10.48
C GLN A 97 -39.64 -32.76 -9.29
N ILE A 98 -39.36 -32.25 -8.09
CA ILE A 98 -40.12 -32.66 -6.92
C ILE A 98 -41.58 -32.25 -7.08
N ALA A 99 -41.82 -31.12 -7.75
CA ALA A 99 -43.17 -30.80 -8.19
C ALA A 99 -43.71 -31.84 -9.16
N ILE A 100 -42.90 -32.26 -10.14
CA ILE A 100 -43.35 -33.25 -11.12
C ILE A 100 -43.69 -34.57 -10.42
N GLU A 101 -42.88 -34.96 -9.43
CA GLU A 101 -43.20 -36.14 -8.64
C GLU A 101 -44.50 -35.97 -7.87
N ASN A 102 -44.98 -34.74 -7.71
CA ASN A 102 -46.20 -34.48 -6.97
C ASN A 102 -47.42 -34.16 -7.85
N ILE A 103 -47.31 -34.19 -9.18
CA ILE A 103 -48.51 -34.07 -10.00
C ILE A 103 -49.43 -35.26 -9.76
N THR A 104 -50.70 -34.98 -9.55
CA THR A 104 -51.73 -35.99 -9.46
C THR A 104 -52.74 -35.78 -10.58
N ALA A 105 -53.31 -36.88 -11.07
CA ALA A 105 -54.30 -36.83 -12.13
C ALA A 105 -55.53 -37.62 -11.69
N SER A 106 -56.70 -37.16 -12.14
CA SER A 106 -57.96 -37.76 -11.74
C SER A 106 -58.43 -38.72 -12.83
N TYR A 107 -58.64 -39.97 -12.45
CA TYR A 107 -59.21 -40.98 -13.33
C TYR A 107 -60.26 -41.75 -12.54
N ASP A 108 -61.50 -41.76 -13.04
CA ASP A 108 -62.63 -42.33 -12.33
C ASP A 108 -62.73 -41.74 -10.92
N ASN A 109 -62.70 -42.60 -9.90
CA ASN A 109 -62.70 -42.16 -8.52
C ASN A 109 -61.32 -42.27 -7.87
N GLU A 110 -60.27 -42.48 -8.67
CA GLU A 110 -58.92 -42.67 -8.16
C GLU A 110 -58.08 -41.42 -8.43
N THR A 111 -57.07 -41.22 -7.58
CA THR A 111 -56.09 -40.16 -7.75
C THR A 111 -54.79 -40.81 -8.22
N VAL A 112 -54.44 -40.58 -9.49
CA VAL A 112 -53.29 -41.23 -10.11
C VAL A 112 -52.04 -40.40 -9.82
N THR A 113 -51.05 -41.03 -9.21
CA THR A 113 -49.76 -40.41 -8.94
C THR A 113 -48.69 -41.02 -9.85
N LEU A 114 -47.51 -40.39 -9.84
CA LEU A 114 -46.40 -40.91 -10.63
C LEU A 114 -45.97 -42.29 -10.15
N GLN A 115 -45.96 -42.49 -8.83
CA GLN A 115 -45.51 -43.76 -8.27
C GLN A 115 -46.40 -44.93 -8.69
N ASP A 116 -47.63 -44.65 -9.13
CA ASP A 116 -48.51 -45.73 -9.56
C ASP A 116 -48.11 -46.28 -10.91
N ILE A 117 -47.46 -45.48 -11.75
CA ILE A 117 -47.13 -45.85 -13.11
C ILE A 117 -45.64 -45.80 -13.41
N CYS A 118 -44.83 -45.31 -12.48
CA CYS A 118 -43.41 -45.14 -12.74
C CYS A 118 -42.66 -46.47 -12.62
N LEU A 119 -41.46 -46.50 -13.19
CA LEU A 119 -40.57 -47.65 -13.06
C LEU A 119 -39.85 -47.56 -11.72
N ALA A 120 -40.20 -48.47 -10.80
CA ALA A 120 -39.53 -48.61 -9.51
C ALA A 120 -38.93 -50.00 -9.47
N PRO A 121 -37.65 -50.15 -9.82
CA PRO A 121 -37.07 -51.50 -9.92
C PRO A 121 -36.99 -52.24 -8.60
N LEU A 122 -37.07 -51.54 -7.46
CA LEU A 122 -36.87 -52.14 -6.16
C LEU A 122 -38.16 -52.23 -5.36
N ASN A 126 -37.99 -50.83 -2.26
CA ASN A 126 -37.84 -49.38 -2.39
C ASN A 126 -38.79 -48.92 -3.48
N THR A 127 -39.80 -48.14 -3.09
CA THR A 127 -40.83 -47.68 -4.01
C THR A 127 -40.48 -46.37 -4.70
N ASN A 128 -39.29 -45.83 -4.47
CA ASN A 128 -38.90 -44.58 -5.11
C ASN A 128 -38.81 -44.76 -6.62
N CYS A 129 -39.40 -43.81 -7.35
CA CYS A 129 -39.39 -43.86 -8.81
C CYS A 129 -37.98 -43.63 -9.34
N THR A 130 -37.68 -44.26 -10.47
CA THR A 130 -36.42 -44.03 -11.16
C THR A 130 -36.40 -42.62 -11.72
N ILE A 131 -35.45 -41.80 -11.26
CA ILE A 131 -35.29 -40.43 -11.74
C ILE A 131 -33.86 -40.31 -12.26
N LEU A 132 -33.72 -40.23 -13.58
CA LEU A 132 -32.41 -40.14 -14.22
C LEU A 132 -32.06 -38.67 -14.36
N SER A 133 -31.32 -38.14 -13.38
CA SER A 133 -30.94 -36.74 -13.38
C SER A 133 -29.67 -36.58 -12.57
N VAL A 134 -28.96 -35.47 -12.83
CA VAL A 134 -27.79 -35.11 -12.03
C VAL A 134 -28.19 -34.87 -10.60
N LEU A 135 -29.40 -34.36 -10.38
CA LEU A 135 -29.88 -34.05 -9.03
C LEU A 135 -30.00 -35.31 -8.17
N ASN A 136 -30.11 -36.48 -8.79
CA ASN A 136 -30.22 -37.73 -8.05
C ASN A 136 -28.90 -38.18 -7.43
N TYR A 137 -27.78 -37.54 -7.82
CA TYR A 137 -26.52 -37.79 -7.12
C TYR A 137 -26.57 -37.36 -5.67
N PHE A 138 -27.49 -36.45 -5.33
CA PHE A 138 -27.59 -35.90 -3.98
C PHE A 138 -28.86 -36.38 -3.27
N GLN A 139 -29.43 -37.50 -3.72
CA GLN A 139 -30.63 -38.09 -3.11
C GLN A 139 -31.85 -37.17 -3.15
N ASN A 140 -31.85 -36.21 -4.09
CA ASN A 140 -33.06 -35.49 -4.49
C ASN A 140 -33.78 -34.86 -3.30
N SER A 141 -33.14 -33.85 -2.70
CA SER A 141 -33.76 -33.08 -1.63
C SER A 141 -33.30 -31.64 -1.69
N HIS A 142 -34.21 -30.70 -1.38
CA HIS A 142 -33.86 -29.28 -1.39
C HIS A 142 -33.08 -28.84 -0.16
N SER A 143 -33.06 -29.65 0.90
CA SER A 143 -32.34 -29.33 2.11
C SER A 143 -30.96 -29.97 2.16
N VAL A 144 -30.53 -30.59 1.07
CA VAL A 144 -29.26 -31.29 1.02
C VAL A 144 -28.23 -30.61 0.13
N LEU A 145 -28.67 -29.86 -0.89
CA LEU A 145 -27.76 -29.31 -1.89
C LEU A 145 -27.22 -27.94 -1.51
N ASP A 146 -27.21 -27.63 -0.21
CA ASP A 146 -26.57 -26.42 0.30
C ASP A 146 -25.49 -26.77 1.33
N HIS A 147 -25.03 -28.00 1.33
CA HIS A 147 -24.15 -28.51 2.37
C HIS A 147 -22.75 -27.95 2.22
N LYS A 148 -21.93 -28.19 3.24
CA LYS A 148 -20.51 -27.89 3.18
C LYS A 148 -19.78 -28.93 4.02
N LYS A 149 -18.47 -28.79 4.16
CA LYS A 149 -17.69 -29.66 5.04
C LYS A 149 -16.65 -28.85 5.82
N GLY A 150 -16.26 -27.71 5.27
CA GLY A 150 -15.03 -27.08 5.65
C GLY A 150 -15.10 -26.21 6.88
N ASP A 151 -14.13 -25.31 6.97
CA ASP A 151 -14.01 -24.33 8.05
C ASP A 151 -13.90 -22.95 7.44
N ASP A 152 -13.56 -21.95 8.23
CA ASP A 152 -13.42 -20.60 7.71
C ASP A 152 -12.14 -20.41 6.91
N PHE A 153 -11.37 -21.49 6.70
CA PHE A 153 -10.13 -21.44 5.94
C PHE A 153 -10.28 -22.08 4.57
N PHE A 154 -10.72 -23.34 4.51
CA PHE A 154 -10.90 -24.07 3.27
C PHE A 154 -12.23 -24.80 3.28
N VAL A 155 -12.89 -24.86 2.12
CA VAL A 155 -14.07 -25.70 1.94
C VAL A 155 -13.57 -27.07 1.48
N TYR A 156 -13.46 -28.01 2.43
CA TYR A 156 -12.88 -29.31 2.12
C TYR A 156 -13.72 -30.08 1.11
N ALA A 157 -15.04 -30.07 1.29
CA ALA A 157 -15.94 -30.79 0.41
C ALA A 157 -17.27 -30.06 0.30
N ASP A 158 -17.93 -30.23 -0.83
CA ASP A 158 -19.23 -29.63 -1.08
C ASP A 158 -19.88 -30.37 -2.23
N TYR A 159 -21.01 -29.83 -2.73
CA TYR A 159 -21.66 -30.42 -3.88
C TYR A 159 -20.72 -30.51 -5.06
N HIS A 160 -19.85 -29.49 -5.21
CA HIS A 160 -18.87 -29.42 -6.29
C HIS A 160 -18.08 -30.71 -6.44
N THR A 161 -17.35 -31.09 -5.38
CA THR A 161 -16.54 -32.30 -5.42
C THR A 161 -17.41 -33.54 -5.54
N HIS A 162 -18.64 -33.48 -5.04
CA HIS A 162 -19.53 -34.62 -5.08
C HIS A 162 -19.96 -34.91 -6.51
N PHE A 163 -20.12 -33.87 -7.32
CA PHE A 163 -20.50 -34.04 -8.72
C PHE A 163 -19.36 -34.67 -9.53
N LEU A 164 -18.11 -34.21 -9.32
CA LEU A 164 -16.98 -34.74 -10.06
C LEU A 164 -16.78 -36.23 -9.82
N TYR A 165 -17.14 -36.70 -8.63
CA TYR A 165 -16.73 -38.03 -8.24
C TYR A 165 -17.60 -39.09 -8.91
N CYS A 166 -18.91 -38.90 -8.89
CA CYS A 166 -19.82 -39.93 -9.39
C CYS A 166 -20.12 -39.81 -10.88
N VAL A 167 -19.83 -38.66 -11.50
CA VAL A 167 -19.79 -38.67 -12.95
C VAL A 167 -18.68 -39.61 -13.43
N ARG A 168 -17.73 -39.95 -12.54
CA ARG A 168 -16.75 -41.01 -12.75
C ARG A 168 -17.18 -42.34 -12.12
N ALA A 169 -17.85 -42.30 -10.97
CA ALA A 169 -18.24 -43.49 -10.22
C ALA A 169 -19.71 -43.39 -9.81
N PRO A 170 -20.64 -43.55 -10.75
CA PRO A 170 -22.06 -43.38 -10.43
C PRO A 170 -22.61 -44.41 -9.44
N ALA A 171 -22.05 -45.62 -9.38
CA ALA A 171 -22.65 -46.70 -8.62
C ALA A 171 -22.08 -46.85 -7.21
N SER A 172 -21.13 -46.01 -6.81
CA SER A 172 -20.46 -46.19 -5.54
C SER A 172 -21.18 -45.46 -4.40
N LEU A 173 -21.02 -45.97 -3.18
CA LEU A 173 -21.73 -45.51 -1.99
C LEU A 173 -20.98 -44.50 -1.13
N ASN A 174 -19.78 -44.08 -1.53
CA ASN A 174 -18.98 -43.20 -0.69
C ASN A 174 -18.09 -42.35 -1.58
N ASP A 175 -18.17 -41.03 -1.46
CA ASP A 175 -17.45 -40.14 -2.36
C ASP A 175 -15.99 -39.97 -1.98
N THR A 176 -15.49 -40.72 -1.00
CA THR A 176 -14.09 -40.72 -0.59
C THR A 176 -13.63 -39.35 -0.10
N SER A 177 -14.55 -38.39 -0.06
CA SER A 177 -14.26 -37.08 0.50
C SER A 177 -14.52 -37.12 2.01
N LEU A 178 -14.42 -35.96 2.65
CA LEU A 178 -14.68 -35.88 4.07
C LEU A 178 -16.17 -35.97 4.41
N LEU A 179 -17.05 -35.91 3.40
CA LEU A 179 -18.49 -35.97 3.63
C LEU A 179 -19.09 -37.35 3.45
N HIS A 180 -18.39 -38.25 2.76
CA HIS A 180 -18.82 -39.64 2.53
C HIS A 180 -20.30 -39.73 2.13
N ASP A 181 -20.69 -38.86 1.19
CA ASP A 181 -22.09 -38.90 0.73
C ASP A 181 -22.20 -39.78 -0.52
N PRO A 182 -23.15 -40.71 -0.56
CA PRO A 182 -23.26 -41.61 -1.71
C PRO A 182 -23.89 -40.88 -2.89
N CYS A 183 -23.50 -41.31 -4.11
CA CYS A 183 -24.12 -40.85 -5.35
C CYS A 183 -25.09 -41.85 -5.97
N LEU A 184 -25.30 -43.00 -5.36
CA LEU A 184 -26.37 -43.87 -5.84
C LEU A 184 -27.71 -43.14 -5.76
N GLY A 185 -28.57 -43.38 -6.74
CA GLY A 185 -29.82 -42.65 -6.80
C GLY A 185 -30.79 -43.06 -5.72
N THR A 186 -31.89 -42.30 -5.64
CA THR A 186 -32.93 -42.63 -4.68
C THR A 186 -33.62 -43.94 -5.02
N PHE A 187 -33.52 -44.40 -6.27
CA PHE A 187 -34.14 -45.65 -6.68
C PHE A 187 -33.21 -46.85 -6.52
N GLY A 188 -32.01 -46.65 -6.00
CA GLY A 188 -31.10 -47.75 -5.76
C GLY A 188 -30.20 -48.12 -6.92
N GLY A 189 -30.06 -47.26 -7.92
CA GLY A 189 -29.24 -47.55 -9.07
C GLY A 189 -28.35 -46.40 -9.47
N PRO A 190 -27.28 -46.69 -10.23
CA PRO A 190 -26.37 -45.63 -10.65
C PRO A 190 -27.01 -44.70 -11.68
N VAL A 191 -26.51 -43.48 -11.73
CA VAL A 191 -26.97 -42.46 -12.67
C VAL A 191 -25.81 -42.12 -13.58
N PHE A 192 -25.87 -42.58 -14.82
CA PHE A 192 -24.75 -42.39 -15.76
C PHE A 192 -24.73 -40.94 -16.25
N PRO A 193 -23.59 -40.26 -16.17
CA PRO A 193 -23.55 -38.83 -16.52
C PRO A 193 -23.92 -38.54 -17.97
N TRP A 194 -23.51 -39.40 -18.91
CA TRP A 194 -23.76 -39.11 -20.32
C TRP A 194 -25.24 -39.14 -20.67
N LEU A 195 -26.06 -39.90 -19.93
CA LEU A 195 -27.49 -39.88 -20.17
C LEU A 195 -28.15 -38.62 -19.59
N VAL A 196 -27.57 -38.06 -18.53
CA VAL A 196 -28.19 -36.97 -17.80
C VAL A 196 -27.44 -35.65 -18.01
N LEU A 197 -26.55 -35.58 -18.99
CA LEU A 197 -25.84 -34.35 -19.30
C LEU A 197 -25.74 -34.18 -20.82
N GLY A 198 -25.56 -32.93 -21.22
CA GLY A 198 -25.43 -32.60 -22.63
C GLY A 198 -24.74 -31.28 -22.82
N GLY A 199 -24.19 -31.08 -24.01
CA GLY A 199 -23.46 -29.87 -24.33
C GLY A 199 -22.05 -29.83 -23.83
N TYR A 200 -21.52 -30.95 -23.33
CA TYR A 200 -20.17 -31.02 -22.79
C TYR A 200 -19.20 -31.53 -23.85
N ASP A 201 -17.91 -31.27 -23.60
CA ASP A 201 -16.85 -31.67 -24.52
C ASP A 201 -16.14 -32.90 -23.98
N ASP A 202 -16.06 -33.95 -24.81
CA ASP A 202 -15.37 -35.21 -24.49
C ASP A 202 -15.98 -35.77 -23.21
N GLN A 203 -15.18 -36.10 -22.20
CA GLN A 203 -15.70 -36.58 -20.92
C GLN A 203 -15.75 -35.48 -19.87
N ASN A 204 -15.52 -34.23 -20.26
CA ASN A 204 -15.64 -33.10 -19.34
C ASN A 204 -17.12 -32.83 -19.09
N TYR A 205 -17.74 -33.73 -18.33
CA TYR A 205 -19.14 -33.59 -17.95
C TYR A 205 -19.40 -32.29 -17.20
N ASN A 206 -18.35 -31.71 -16.61
CA ASN A 206 -18.48 -30.43 -15.91
C ASN A 206 -18.94 -29.33 -16.84
N ASN A 207 -18.44 -29.32 -18.07
CA ASN A 207 -18.76 -28.28 -19.04
C ASN A 207 -20.15 -28.41 -19.63
N ALA A 208 -20.97 -29.36 -19.17
CA ALA A 208 -22.27 -29.59 -19.77
C ALA A 208 -23.20 -28.41 -19.52
N THR A 209 -23.89 -27.99 -20.58
CA THR A 209 -24.91 -26.95 -20.50
C THR A 209 -26.32 -27.54 -20.37
N ALA A 210 -26.42 -28.86 -20.21
CA ALA A 210 -27.70 -29.53 -20.06
C ALA A 210 -27.60 -30.53 -18.91
N LEU A 211 -28.66 -30.60 -18.11
CA LEU A 211 -28.78 -31.59 -17.04
C LEU A 211 -30.00 -32.43 -17.38
N VAL A 212 -29.79 -33.47 -18.19
CA VAL A 212 -30.91 -34.19 -18.79
C VAL A 212 -31.67 -34.96 -17.71
N ILE A 213 -32.99 -34.83 -17.72
CA ILE A 213 -33.87 -35.44 -16.74
C ILE A 213 -34.87 -36.34 -17.46
N THR A 214 -34.97 -37.59 -17.03
CA THR A 214 -35.81 -38.57 -17.69
C THR A 214 -36.67 -39.29 -16.67
N PHE A 215 -37.97 -39.40 -16.94
CA PHE A 215 -38.90 -40.14 -16.09
C PHE A 215 -39.37 -41.38 -16.82
N PRO A 216 -38.89 -42.57 -16.47
CA PRO A 216 -39.40 -43.80 -17.09
C PRO A 216 -40.81 -44.11 -16.58
N VAL A 217 -41.70 -44.43 -17.52
CA VAL A 217 -43.09 -44.74 -17.21
C VAL A 217 -43.44 -46.07 -17.88
N ASN A 218 -44.18 -46.92 -17.16
CA ASN A 218 -44.59 -48.20 -17.72
C ASN A 218 -45.45 -47.99 -18.97
N ASN A 219 -45.16 -48.75 -20.01
CA ASN A 219 -45.91 -48.62 -21.26
C ASN A 219 -47.33 -49.16 -21.10
N TYR A 220 -47.50 -50.22 -20.30
CA TYR A 220 -48.79 -50.87 -20.08
C TYR A 220 -49.44 -51.28 -21.40
N TYR A 221 -48.64 -51.85 -22.31
CA TYR A 221 -49.19 -52.36 -23.57
C TYR A 221 -50.08 -53.56 -23.34
N ASN A 222 -49.79 -54.38 -22.33
CA ASN A 222 -50.55 -55.58 -22.04
C ASN A 222 -51.76 -55.34 -21.16
N ASP A 223 -51.89 -54.14 -20.58
CA ASP A 223 -53.00 -53.81 -19.70
C ASP A 223 -53.58 -52.47 -20.13
N THR A 224 -54.78 -52.51 -20.71
CA THR A 224 -55.42 -51.28 -21.18
C THR A 224 -55.81 -50.38 -20.01
N GLU A 225 -56.33 -50.96 -18.93
CA GLU A 225 -56.81 -50.15 -17.80
C GLU A 225 -55.68 -49.36 -17.17
N LYS A 226 -54.52 -49.99 -16.96
CA LYS A 226 -53.38 -49.27 -16.42
C LYS A 226 -52.85 -48.23 -17.42
N LEU A 227 -53.01 -48.49 -18.71
CA LEU A 227 -52.59 -47.52 -19.72
C LEU A 227 -53.42 -46.24 -19.63
N GLN A 228 -54.73 -46.37 -19.38
CA GLN A 228 -55.59 -45.21 -19.28
C GLN A 228 -55.16 -44.30 -18.13
N ARG A 229 -54.84 -44.90 -16.97
CA ARG A 229 -54.37 -44.11 -15.84
C ARG A 229 -53.01 -43.48 -16.14
N ALA A 230 -52.14 -44.20 -16.84
CA ALA A 230 -50.83 -43.65 -17.21
C ALA A 230 -50.98 -42.46 -18.15
N GLN A 231 -51.90 -42.56 -19.12
CA GLN A 231 -52.12 -41.45 -20.03
C GLN A 231 -52.73 -40.25 -19.32
N ALA A 232 -53.58 -40.48 -18.33
CA ALA A 232 -54.16 -39.37 -17.58
C ALA A 232 -53.10 -38.58 -16.83
N TRP A 233 -52.15 -39.28 -16.20
CA TRP A 233 -51.05 -38.58 -15.52
C TRP A 233 -50.15 -37.86 -16.52
N GLU A 234 -49.93 -38.46 -17.69
CA GLU A 234 -49.08 -37.83 -18.70
C GLU A 234 -49.68 -36.52 -19.18
N LYS A 235 -51.00 -36.47 -19.37
CA LYS A 235 -51.67 -35.26 -19.85
C LYS A 235 -51.48 -34.12 -18.86
N GLU A 236 -51.62 -34.40 -17.57
CA GLU A 236 -51.34 -33.38 -16.56
C GLU A 236 -49.86 -33.00 -16.55
N PHE A 237 -48.98 -33.97 -16.81
CA PHE A 237 -47.54 -33.70 -16.73
C PHE A 237 -47.08 -32.74 -17.82
N ILE A 238 -47.57 -32.91 -19.04
CA ILE A 238 -47.12 -32.07 -20.15
C ILE A 238 -47.60 -30.63 -19.95
N ASN A 239 -48.85 -30.46 -19.53
CA ASN A 239 -49.40 -29.11 -19.34
C ASN A 239 -48.65 -28.35 -18.25
N PHE A 240 -48.33 -29.03 -17.14
CA PHE A 240 -47.63 -28.36 -16.05
C PHE A 240 -46.24 -27.90 -16.47
N VAL A 241 -45.49 -28.77 -17.15
CA VAL A 241 -44.11 -28.44 -17.49
C VAL A 241 -44.05 -27.41 -18.61
N LYS A 242 -45.04 -27.40 -19.52
CA LYS A 242 -45.03 -26.46 -20.63
C LYS A 242 -45.31 -25.03 -20.20
N ASN A 243 -46.06 -24.84 -19.11
CA ASN A 243 -46.41 -23.51 -18.61
C ASN A 243 -45.82 -23.27 -17.23
N TYR A 244 -44.64 -23.85 -16.98
CA TYR A 244 -43.94 -23.71 -15.71
C TYR A 244 -43.24 -22.36 -15.70
N LYS A 245 -43.77 -21.41 -14.94
CA LYS A 245 -43.35 -20.01 -15.05
C LYS A 245 -42.14 -19.76 -14.17
N ASN A 246 -40.94 -19.83 -14.75
CA ASN A 246 -39.66 -19.42 -14.17
C ASN A 246 -38.74 -18.88 -15.25
N PRO A 247 -38.49 -17.57 -15.30
CA PRO A 247 -37.58 -17.03 -16.33
C PRO A 247 -36.17 -17.56 -16.22
N ASN A 248 -35.77 -18.07 -15.05
CA ASN A 248 -34.41 -18.60 -14.87
C ASN A 248 -34.19 -19.91 -15.60
N LEU A 249 -35.24 -20.56 -16.09
CA LEU A 249 -35.14 -21.86 -16.76
C LEU A 249 -35.83 -21.81 -18.10
N THR A 250 -35.32 -22.59 -19.05
CA THR A 250 -35.93 -22.79 -20.36
C THR A 250 -36.17 -24.28 -20.55
N ILE A 251 -37.44 -24.66 -20.61
CA ILE A 251 -37.85 -26.07 -20.59
C ILE A 251 -38.66 -26.38 -21.83
N SER A 252 -38.25 -27.42 -22.57
CA SER A 252 -38.99 -27.93 -23.71
C SER A 252 -38.85 -29.45 -23.70
N PHE A 253 -39.33 -30.10 -24.76
CA PHE A 253 -39.36 -31.56 -24.84
C PHE A 253 -38.29 -32.12 -25.76
N THR A 254 -38.30 -33.45 -25.88
CA THR A 254 -37.39 -34.21 -26.74
C THR A 254 -35.94 -34.00 -26.32
N SER B 32 11.59 -2.99 28.24
CA SER B 32 10.92 -3.78 29.27
C SER B 32 10.85 -5.24 28.88
N MET B 33 11.34 -5.56 27.68
CA MET B 33 11.32 -6.93 27.21
C MET B 33 12.27 -7.78 28.04
N PRO B 34 11.88 -9.00 28.40
CA PRO B 34 12.80 -9.90 29.11
C PRO B 34 14.02 -10.20 28.24
N LEU B 35 15.18 -10.33 28.90
CA LEU B 35 16.46 -10.45 28.22
C LEU B 35 17.32 -11.46 28.98
N GLY B 36 17.63 -12.58 28.34
CA GLY B 36 18.35 -13.66 29.00
C GLY B 36 19.85 -13.53 28.85
N VAL B 37 20.57 -13.88 29.91
CA VAL B 37 22.03 -13.86 29.93
C VAL B 37 22.51 -15.30 30.00
N VAL B 38 23.34 -15.71 29.05
CA VAL B 38 23.89 -17.06 28.98
C VAL B 38 25.34 -16.97 29.44
N THR B 39 25.65 -17.64 30.55
CA THR B 39 27.00 -17.64 31.12
C THR B 39 27.34 -19.05 31.54
N ASN B 40 28.39 -19.62 30.94
CA ASN B 40 28.84 -20.98 31.25
C ASN B 40 27.72 -22.00 31.06
N SER B 41 26.94 -21.82 30.00
CA SER B 41 25.85 -22.73 29.63
C SER B 41 24.82 -22.86 30.75
N THR B 42 24.50 -21.75 31.41
CA THR B 42 23.33 -21.65 32.27
C THR B 42 22.63 -20.33 31.97
N LEU B 43 21.31 -20.33 32.08
CA LEU B 43 20.50 -19.20 31.66
C LEU B 43 20.03 -18.39 32.86
N GLU B 44 20.10 -17.08 32.73
CA GLU B 44 19.68 -16.16 33.77
C GLU B 44 18.76 -15.11 33.15
N VAL B 45 17.52 -15.07 33.62
CA VAL B 45 16.53 -14.13 33.10
C VAL B 45 16.66 -12.82 33.85
N THR B 46 16.90 -11.73 33.12
CA THR B 46 17.03 -10.43 33.71
C THR B 46 16.47 -9.39 32.75
N GLU B 47 16.57 -8.12 33.15
CA GLU B 47 16.13 -7.02 32.32
C GLU B 47 17.21 -5.95 32.29
N ILE B 48 17.19 -5.14 31.23
CA ILE B 48 18.10 -4.00 31.17
C ILE B 48 17.77 -3.00 32.28
N ASP B 49 16.51 -2.93 32.69
CA ASP B 49 16.17 -2.19 33.89
C ASP B 49 16.79 -2.82 35.13
N GLN B 50 16.81 -4.15 35.20
CA GLN B 50 17.49 -4.87 36.28
C GLN B 50 18.97 -4.94 35.91
N LEU B 51 19.75 -5.78 36.59
CA LEU B 51 21.19 -5.96 36.33
C LEU B 51 21.97 -4.75 36.83
N VAL B 52 23.14 -4.97 37.43
CA VAL B 52 23.88 -3.84 37.97
C VAL B 52 25.29 -3.68 37.40
N CYS B 53 26.22 -4.61 37.72
CA CYS B 53 27.58 -4.43 37.19
C CYS B 53 28.29 -5.72 36.79
N LYS B 54 27.92 -6.88 37.34
CA LYS B 54 28.74 -8.08 37.19
C LYS B 54 28.72 -8.63 35.77
N ASP B 55 27.62 -8.44 35.04
CA ASP B 55 27.57 -8.87 33.65
C ASP B 55 28.13 -7.78 32.73
N HIS B 56 28.77 -8.23 31.65
CA HIS B 56 29.46 -7.35 30.73
C HIS B 56 28.88 -7.47 29.33
N LEU B 57 29.04 -6.40 28.55
CA LEU B 57 28.65 -6.37 27.15
C LEU B 57 29.79 -5.73 26.36
N ALA B 58 30.55 -6.55 25.64
CA ALA B 58 31.72 -6.05 24.93
C ALA B 58 31.44 -5.66 23.49
N SER B 59 30.50 -6.33 22.84
CA SER B 59 30.22 -6.07 21.43
C SER B 59 28.77 -6.40 21.13
N THR B 60 28.29 -5.84 20.01
CA THR B 60 26.93 -6.13 19.56
C THR B 60 26.80 -7.55 19.02
N ASP B 61 27.91 -8.19 18.66
CA ASP B 61 27.85 -9.54 18.11
C ASP B 61 27.25 -10.53 19.10
N GLN B 62 27.43 -10.30 20.40
CA GLN B 62 26.93 -11.21 21.41
C GLN B 62 25.50 -10.91 21.84
N LEU B 63 24.85 -9.92 21.22
CA LEU B 63 23.41 -9.76 21.34
C LEU B 63 22.75 -10.56 20.22
N LYS B 64 21.92 -11.53 20.58
CA LYS B 64 21.34 -12.46 19.63
C LYS B 64 19.82 -12.49 19.77
N SER B 65 19.15 -12.79 18.67
CA SER B 65 17.71 -13.03 18.65
C SER B 65 17.46 -14.43 18.12
N VAL B 66 16.70 -15.22 18.87
CA VAL B 66 16.46 -16.62 18.52
C VAL B 66 14.95 -16.85 18.44
N GLY B 67 14.52 -17.51 17.37
CA GLY B 67 13.12 -17.86 17.19
C GLY B 67 12.87 -19.34 17.40
N LEU B 68 12.16 -19.68 18.46
CA LEU B 68 11.93 -21.07 18.85
C LEU B 68 10.53 -21.51 18.46
N ASN B 69 10.43 -22.71 17.89
CA ASN B 69 9.17 -23.21 17.36
C ASN B 69 8.22 -23.60 18.48
N LEU B 70 6.92 -23.62 18.16
CA LEU B 70 5.89 -24.07 19.08
C LEU B 70 5.57 -25.56 18.93
N GLU B 71 5.90 -26.16 17.79
CA GLU B 71 5.63 -27.58 17.59
C GLU B 71 6.37 -28.44 18.60
N GLY B 72 7.50 -27.95 19.13
CA GLY B 72 8.19 -28.63 20.20
C GLY B 72 7.47 -28.60 21.53
N SER B 73 6.42 -27.80 21.67
CA SER B 73 5.60 -27.76 22.87
C SER B 73 4.44 -28.76 22.83
N GLY B 74 4.52 -29.75 21.94
CA GLY B 74 3.53 -30.80 21.86
C GLY B 74 2.12 -30.34 21.53
N VAL B 75 1.93 -29.85 20.31
CA VAL B 75 0.63 -29.37 19.86
C VAL B 75 0.22 -30.17 18.62
N SER B 76 -1.09 -30.19 18.37
CA SER B 76 -1.61 -30.87 17.20
C SER B 76 -1.09 -30.21 15.92
N THR B 77 -0.79 -31.03 14.92
CA THR B 77 -0.21 -30.53 13.67
C THR B 77 -0.85 -31.25 12.49
N ASP B 78 -1.80 -30.56 11.85
CA ASP B 78 -2.33 -30.98 10.56
C ASP B 78 -2.89 -29.71 9.90
N ILE B 79 -3.53 -29.85 8.75
CA ILE B 79 -4.22 -28.69 8.19
C ILE B 79 -5.61 -28.56 8.81
N PRO B 80 -6.43 -29.61 8.86
CA PRO B 80 -7.77 -29.45 9.46
C PRO B 80 -7.76 -29.13 10.95
N SER B 81 -6.63 -29.30 11.64
CA SER B 81 -6.57 -29.07 13.07
C SER B 81 -5.75 -27.85 13.48
N ALA B 82 -4.76 -27.42 12.68
CA ALA B 82 -4.01 -26.21 13.01
C ALA B 82 -4.82 -24.95 12.73
N THR B 83 -5.81 -25.04 11.82
CA THR B 83 -6.64 -23.90 11.50
C THR B 83 -7.35 -23.35 12.73
N LYS B 84 -7.56 -24.19 13.75
CA LYS B 84 -8.20 -23.78 14.99
C LYS B 84 -7.28 -22.99 15.90
N ARG B 85 -6.09 -22.60 15.44
CA ARG B 85 -5.17 -21.78 16.22
C ARG B 85 -4.96 -20.41 15.60
N TRP B 86 -5.54 -20.12 14.43
CA TRP B 86 -5.41 -18.81 13.83
C TRP B 86 -6.69 -18.46 13.08
N GLY B 87 -7.04 -17.17 13.08
CA GLY B 87 -8.26 -16.71 12.46
C GLY B 87 -8.09 -15.33 11.85
N PHE B 88 -9.13 -14.90 11.13
CA PHE B 88 -9.10 -13.66 10.37
C PHE B 88 -9.57 -12.47 11.20
N ARG B 89 -9.04 -11.30 10.85
CA ARG B 89 -9.39 -10.05 11.50
C ARG B 89 -9.20 -8.90 10.52
N SER B 90 -9.96 -7.82 10.73
CA SER B 90 -9.80 -6.59 9.98
C SER B 90 -9.58 -5.44 10.96
N GLY B 91 -8.76 -4.48 10.56
CA GLY B 91 -8.53 -3.29 11.34
C GLY B 91 -7.18 -3.21 12.03
N VAL B 92 -6.45 -4.31 12.13
CA VAL B 92 -5.12 -4.31 12.74
C VAL B 92 -4.10 -4.51 11.62
N PRO B 93 -3.19 -3.57 11.40
CA PRO B 93 -2.22 -3.68 10.30
C PRO B 93 -1.17 -4.75 10.60
N PRO B 94 -0.57 -5.32 9.56
CA PRO B 94 0.48 -6.32 9.78
C PRO B 94 1.77 -5.70 10.32
N LYS B 95 2.50 -6.51 11.08
CA LYS B 95 3.82 -6.14 11.59
C LYS B 95 4.76 -7.32 11.44
N VAL B 96 6.06 -7.02 11.32
CA VAL B 96 7.07 -8.05 11.09
C VAL B 96 8.39 -7.59 11.70
N VAL B 97 9.11 -8.54 12.30
CA VAL B 97 10.41 -8.27 12.93
C VAL B 97 11.41 -9.33 12.50
N SER B 98 12.68 -9.03 12.75
CA SER B 98 13.78 -9.89 12.34
C SER B 98 14.31 -10.70 13.53
N TYR B 99 14.83 -11.89 13.23
CA TYR B 99 15.46 -12.74 14.22
C TYR B 99 16.68 -13.40 13.60
N GLU B 100 17.73 -13.59 14.41
CA GLU B 100 19.01 -14.02 13.87
C GLU B 100 19.10 -15.54 13.71
N ALA B 101 18.74 -16.28 14.75
CA ALA B 101 18.91 -17.73 14.77
C ALA B 101 17.55 -18.41 14.89
N GLY B 102 17.42 -19.57 14.26
CA GLY B 102 16.19 -20.33 14.33
C GLY B 102 16.39 -21.79 14.71
N GLU B 103 15.33 -22.58 14.62
CA GLU B 103 15.35 -23.99 14.94
C GLU B 103 15.10 -24.81 13.67
N TRP B 104 15.02 -26.13 13.83
CA TRP B 104 14.68 -27.04 12.74
C TRP B 104 13.19 -27.31 12.81
N ALA B 105 12.43 -26.70 11.89
CA ALA B 105 10.98 -26.77 11.95
C ALA B 105 10.48 -28.19 11.72
N GLU B 106 9.75 -28.72 12.71
CA GLU B 106 9.15 -30.04 12.56
C GLU B 106 8.17 -30.06 11.39
N ASN B 107 7.32 -29.04 11.28
CA ASN B 107 6.36 -28.93 10.21
C ASN B 107 6.32 -27.50 9.68
N CYS B 108 6.01 -27.37 8.40
CA CYS B 108 5.81 -26.09 7.76
C CYS B 108 4.54 -26.14 6.91
N TYR B 109 3.98 -24.98 6.63
CA TYR B 109 2.70 -24.89 5.91
C TYR B 109 2.82 -23.96 4.71
N ASN B 110 2.12 -24.31 3.64
CA ASN B 110 2.04 -23.51 2.41
C ASN B 110 0.57 -23.42 2.02
N LEU B 111 0.04 -22.20 1.98
CA LEU B 111 -1.40 -22.00 1.83
C LEU B 111 -1.69 -20.99 0.72
N GLU B 112 -2.70 -21.31 -0.10
CA GLU B 112 -3.21 -20.41 -1.13
C GLU B 112 -4.74 -20.46 -1.09
N ILE B 113 -5.35 -19.37 -0.62
CA ILE B 113 -6.79 -19.28 -0.48
C ILE B 113 -7.32 -18.21 -1.42
N LYS B 114 -8.30 -18.58 -2.24
CA LYS B 114 -8.96 -17.64 -3.14
C LYS B 114 -10.41 -17.45 -2.72
N LYS B 115 -10.86 -16.20 -2.67
CA LYS B 115 -12.21 -15.78 -2.30
C LYS B 115 -13.22 -16.49 -3.20
N PRO B 116 -14.52 -16.48 -2.86
CA PRO B 116 -15.47 -17.29 -3.61
C PRO B 116 -15.46 -17.09 -5.11
N ASP B 117 -15.06 -15.92 -5.61
CA ASP B 117 -15.06 -15.77 -7.05
C ASP B 117 -13.68 -15.87 -7.71
N GLY B 118 -12.77 -14.93 -7.44
CA GLY B 118 -11.48 -15.00 -8.11
C GLY B 118 -10.27 -14.39 -7.42
N SER B 119 -10.39 -14.00 -6.16
CA SER B 119 -9.38 -13.17 -5.52
C SER B 119 -8.76 -13.89 -4.33
N GLU B 120 -7.48 -13.61 -4.08
CA GLU B 120 -6.77 -14.23 -2.97
C GLU B 120 -6.90 -13.38 -1.71
N CYS B 121 -7.27 -14.02 -0.61
CA CYS B 121 -7.37 -13.33 0.67
C CYS B 121 -5.98 -12.98 1.19
N LEU B 122 -5.06 -13.94 1.16
CA LEU B 122 -3.74 -13.75 1.73
C LEU B 122 -2.99 -12.69 0.94
N PRO B 123 -2.39 -11.71 1.61
CA PRO B 123 -1.56 -10.72 0.90
C PRO B 123 -0.31 -11.39 0.36
N PRO B 124 0.30 -10.85 -0.69
CA PRO B 124 1.50 -11.45 -1.23
C PRO B 124 2.70 -11.26 -0.30
N PRO B 125 3.70 -12.11 -0.41
CA PRO B 125 4.87 -11.95 0.46
C PRO B 125 5.60 -10.66 0.15
N PRO B 126 5.74 -9.78 1.13
CA PRO B 126 6.43 -8.51 0.88
C PRO B 126 7.87 -8.74 0.44
N ASP B 127 8.35 -7.84 -0.42
CA ASP B 127 9.66 -8.02 -1.05
C ASP B 127 10.74 -8.16 0.01
N GLY B 128 11.55 -9.20 -0.12
CA GLY B 128 12.56 -9.52 0.87
C GLY B 128 12.14 -10.56 1.90
N VAL B 129 11.14 -11.38 1.60
CA VAL B 129 10.64 -12.40 2.50
C VAL B 129 10.62 -13.71 1.75
N ARG B 130 11.29 -14.73 2.29
CA ARG B 130 11.37 -16.05 1.69
C ARG B 130 10.76 -17.07 2.64
N GLY B 131 10.82 -18.34 2.23
CA GLY B 131 10.29 -19.41 3.06
C GLY B 131 11.18 -19.74 4.23
N PHE B 132 10.63 -20.53 5.14
CA PHE B 132 11.39 -20.97 6.30
C PHE B 132 12.49 -21.92 5.83
N PRO B 133 13.76 -21.63 6.12
CA PRO B 133 14.85 -22.32 5.42
C PRO B 133 14.90 -23.83 5.63
N ARG B 134 14.62 -24.31 6.84
CA ARG B 134 14.87 -25.71 7.20
C ARG B 134 13.61 -26.33 7.79
N CYS B 135 12.84 -27.01 6.95
CA CYS B 135 11.66 -27.76 7.37
C CYS B 135 11.90 -29.25 7.18
N ARG B 136 11.46 -30.05 8.14
CA ARG B 136 11.51 -31.50 7.98
C ARG B 136 10.34 -32.03 7.17
N TYR B 137 9.18 -31.37 7.25
CA TYR B 137 8.01 -31.77 6.49
C TYR B 137 7.18 -30.51 6.25
N VAL B 138 6.56 -30.41 5.08
CA VAL B 138 5.74 -29.26 4.71
C VAL B 138 4.29 -29.72 4.61
N HIS B 139 3.40 -28.75 4.36
CA HIS B 139 1.97 -29.00 4.18
C HIS B 139 1.46 -28.04 3.11
N LYS B 140 1.37 -28.54 1.87
CA LYS B 140 0.91 -27.73 0.75
C LYS B 140 -0.56 -28.06 0.47
N ALA B 141 -1.40 -27.02 0.44
CA ALA B 141 -2.78 -27.16 0.04
C ALA B 141 -3.25 -25.87 -0.60
N GLN B 142 -4.03 -26.00 -1.69
CA GLN B 142 -4.59 -24.85 -2.38
C GLN B 142 -6.03 -25.14 -2.75
N GLY B 143 -6.96 -24.41 -2.14
CA GLY B 143 -8.37 -24.55 -2.43
C GLY B 143 -9.11 -23.25 -2.28
N THR B 144 -10.44 -23.29 -2.33
CA THR B 144 -11.27 -22.10 -2.21
C THR B 144 -11.98 -22.11 -0.86
N GLY B 145 -12.18 -20.91 -0.30
CA GLY B 145 -12.83 -20.77 0.97
C GLY B 145 -13.31 -19.35 1.23
N PRO B 146 -14.20 -19.20 2.21
CA PRO B 146 -14.64 -17.86 2.60
C PRO B 146 -13.55 -17.14 3.37
N CYS B 147 -13.71 -15.81 3.49
CA CYS B 147 -12.70 -14.98 4.14
C CYS B 147 -13.37 -13.78 4.80
N PRO B 148 -13.88 -13.94 6.02
CA PRO B 148 -14.29 -12.76 6.78
C PRO B 148 -13.12 -12.09 7.46
N GLY B 149 -12.66 -10.96 6.94
CA GLY B 149 -11.46 -10.33 7.47
C GLY B 149 -10.37 -10.11 6.45
N ASP B 150 -9.62 -9.01 6.59
CA ASP B 150 -8.58 -8.69 5.62
C ASP B 150 -7.38 -9.62 5.75
N TYR B 151 -6.88 -9.81 6.97
CA TYR B 151 -5.67 -10.58 7.22
C TYR B 151 -5.94 -11.74 8.17
N ALA B 152 -5.03 -12.70 8.16
CA ALA B 152 -5.10 -13.87 9.03
C ALA B 152 -4.16 -13.68 10.21
N PHE B 153 -4.69 -13.79 11.42
CA PHE B 153 -3.94 -13.58 12.64
C PHE B 153 -3.88 -14.88 13.43
N HIS B 154 -2.88 -14.99 14.30
CA HIS B 154 -2.77 -16.13 15.20
C HIS B 154 -3.71 -15.95 16.38
N LYS B 155 -4.45 -16.99 16.72
CA LYS B 155 -5.47 -16.93 17.75
C LYS B 155 -4.91 -17.18 19.14
N ASP B 156 -3.58 -17.18 19.29
CA ASP B 156 -2.94 -17.43 20.57
C ASP B 156 -1.85 -16.43 20.91
N GLY B 157 -1.47 -15.54 20.00
CA GLY B 157 -0.46 -14.55 20.25
C GLY B 157 0.93 -14.86 19.73
N ALA B 158 1.08 -15.92 18.94
CA ALA B 158 2.38 -16.35 18.45
C ALA B 158 2.65 -15.80 17.06
N PHE B 159 3.93 -15.85 16.67
CA PHE B 159 4.37 -15.32 15.39
C PHE B 159 4.34 -16.40 14.31
N PHE B 160 4.52 -15.95 13.07
CA PHE B 160 4.69 -16.84 11.93
C PHE B 160 6.09 -16.57 11.37
N LEU B 161 6.94 -17.60 11.35
CA LEU B 161 8.35 -17.41 11.10
C LEU B 161 8.69 -17.69 9.64
N TYR B 162 9.47 -16.79 9.04
CA TYR B 162 9.92 -16.88 7.66
C TYR B 162 11.44 -16.78 7.64
N ASP B 163 12.03 -16.58 6.46
CA ASP B 163 13.48 -16.50 6.38
C ASP B 163 13.99 -15.29 7.12
N ARG B 164 14.34 -15.48 8.39
CA ARG B 164 14.90 -14.42 9.24
C ARG B 164 13.98 -13.21 9.31
N LEU B 165 12.67 -13.46 9.32
CA LEU B 165 11.67 -12.41 9.42
C LEU B 165 10.40 -13.03 9.99
N ALA B 166 10.01 -12.59 11.19
CA ALA B 166 8.85 -13.11 11.87
C ALA B 166 7.70 -12.12 11.77
N SER B 167 6.54 -12.60 11.31
CA SER B 167 5.40 -11.74 11.05
C SER B 167 4.20 -12.18 11.87
N THR B 168 3.18 -11.32 11.87
CA THR B 168 1.91 -11.60 12.51
C THR B 168 0.89 -12.22 11.56
N VAL B 169 1.07 -12.03 10.24
CA VAL B 169 0.08 -12.40 9.25
C VAL B 169 0.56 -13.59 8.44
N ILE B 170 -0.30 -14.10 7.56
CA ILE B 170 0.02 -15.21 6.68
C ILE B 170 0.08 -14.69 5.25
N TYR B 171 1.15 -15.03 4.53
CA TYR B 171 1.31 -14.65 3.14
C TYR B 171 1.21 -15.90 2.27
N ARG B 172 0.78 -15.71 1.02
CA ARG B 172 0.46 -16.82 0.15
C ARG B 172 1.70 -17.33 -0.58
N GLY B 173 1.77 -18.66 -0.71
CA GLY B 173 2.83 -19.29 -1.47
C GLY B 173 4.19 -19.34 -0.81
N VAL B 174 4.25 -19.19 0.52
CA VAL B 174 5.52 -19.16 1.24
C VAL B 174 5.44 -20.12 2.42
N ASN B 175 6.48 -20.94 2.58
CA ASN B 175 6.56 -21.83 3.73
C ASN B 175 6.73 -21.03 5.01
N PHE B 176 6.01 -21.44 6.06
CA PHE B 176 6.09 -20.75 7.34
C PHE B 176 5.96 -21.75 8.48
N ALA B 177 6.51 -21.39 9.63
CA ALA B 177 6.39 -22.15 10.86
C ALA B 177 6.04 -21.19 11.98
N GLU B 178 5.22 -21.65 12.92
CA GLU B 178 4.70 -20.79 13.97
C GLU B 178 5.55 -20.94 15.23
N GLY B 179 6.10 -19.82 15.70
CA GLY B 179 6.95 -19.81 16.88
C GLY B 179 7.02 -18.46 17.55
N VAL B 180 7.90 -18.32 18.54
CA VAL B 180 8.03 -17.11 19.34
C VAL B 180 9.50 -16.80 19.57
N ILE B 181 9.81 -15.51 19.73
CA ILE B 181 11.17 -14.98 19.71
C ILE B 181 11.69 -14.75 21.12
N ALA B 182 13.00 -14.93 21.30
CA ALA B 182 13.69 -14.63 22.55
C ALA B 182 14.90 -13.75 22.27
N PHE B 183 15.28 -12.93 23.25
CA PHE B 183 16.41 -12.03 23.15
C PHE B 183 17.44 -12.40 24.18
N LEU B 184 18.70 -12.56 23.76
CA LEU B 184 19.74 -13.10 24.62
C LEU B 184 21.02 -12.28 24.52
N ILE B 185 21.80 -12.34 25.60
CA ILE B 185 23.18 -11.88 25.62
C ILE B 185 24.07 -13.08 25.89
N LEU B 186 25.07 -13.28 25.05
CA LEU B 186 25.98 -14.41 25.16
C LEU B 186 27.30 -13.94 25.74
N ALA B 187 27.69 -14.52 26.87
CA ALA B 187 28.99 -14.20 27.45
C ALA B 187 30.11 -14.69 26.55
N LYS B 188 31.15 -13.88 26.39
CA LYS B 188 32.24 -14.19 25.48
C LYS B 188 33.01 -15.43 25.94
N LYS C 2 7.62 -32.52 28.68
CA LYS C 2 6.89 -32.21 27.45
C LYS C 2 7.83 -31.27 26.68
N CYS C 3 8.70 -30.61 27.42
CA CYS C 3 9.73 -29.76 26.83
C CYS C 3 10.70 -30.59 26.00
N ASN C 4 11.30 -29.95 25.00
CA ASN C 4 12.24 -30.63 24.13
C ASN C 4 13.66 -30.32 24.60
N PRO C 5 14.34 -31.23 25.30
CA PRO C 5 15.72 -30.95 25.72
C PRO C 5 16.66 -30.72 24.55
N ASN C 6 16.44 -31.38 23.44
CA ASN C 6 17.28 -31.21 22.26
C ASN C 6 16.91 -29.94 21.51
N LEU C 7 17.93 -29.27 20.95
CA LEU C 7 17.73 -28.04 20.18
C LEU C 7 18.71 -28.03 19.02
N HIS C 8 18.25 -28.51 17.86
CA HIS C 8 19.02 -28.39 16.63
C HIS C 8 18.68 -27.04 15.98
N TYR C 9 19.70 -26.22 15.77
CA TYR C 9 19.50 -24.84 15.36
C TYR C 9 20.27 -24.55 14.08
N TRP C 10 19.90 -23.44 13.45
CA TRP C 10 20.58 -22.92 12.29
C TRP C 10 20.86 -21.44 12.50
N THR C 11 22.00 -20.99 11.96
CA THR C 11 22.44 -19.61 12.08
C THR C 11 22.93 -19.13 10.72
N ALA C 12 22.45 -17.98 10.28
CA ALA C 12 22.82 -17.42 8.98
C ALA C 12 23.92 -16.36 9.15
N GLN C 13 25.10 -16.83 9.56
CA GLN C 13 26.25 -15.97 9.75
C GLN C 13 27.46 -16.56 9.03
N GLU C 14 28.36 -15.67 8.62
CA GLU C 14 29.49 -16.01 7.78
C GLU C 14 30.78 -15.54 8.45
N GLN C 15 31.90 -16.01 7.91
CA GLN C 15 33.22 -15.67 8.42
C GLN C 15 33.99 -14.86 7.38
N HIS C 16 34.83 -13.95 7.87
CA HIS C 16 35.56 -13.06 6.97
C HIS C 16 36.71 -13.76 6.26
N ASN C 17 37.41 -14.66 6.96
CA ASN C 17 38.58 -15.32 6.41
C ASN C 17 38.17 -16.63 5.74
N ALA C 18 39.16 -17.45 5.39
CA ALA C 18 38.93 -18.76 4.77
C ALA C 18 38.04 -18.65 3.54
N ALA C 19 38.29 -17.63 2.73
CA ALA C 19 37.46 -17.35 1.55
C ALA C 19 38.37 -17.00 0.38
N GLY C 20 38.25 -17.77 -0.70
CA GLY C 20 38.94 -17.45 -1.94
C GLY C 20 37.96 -17.36 -3.08
N ILE C 21 37.81 -16.15 -3.65
CA ILE C 21 36.92 -15.82 -4.76
C ILE C 21 35.46 -16.10 -4.41
N ALA C 22 35.21 -16.58 -3.19
CA ALA C 22 33.87 -16.96 -2.76
C ALA C 22 33.11 -15.82 -2.11
N TRP C 23 33.79 -14.75 -1.70
CA TRP C 23 33.09 -13.60 -1.14
C TRP C 23 32.30 -12.83 -2.19
N ILE C 24 32.63 -13.00 -3.47
CA ILE C 24 31.92 -12.32 -4.55
C ILE C 24 30.50 -12.88 -4.64
N PRO C 25 29.47 -12.04 -4.73
CA PRO C 25 28.10 -12.58 -4.91
C PRO C 25 27.94 -13.37 -6.19
N TYR C 26 28.64 -12.98 -7.27
CA TYR C 26 28.50 -13.67 -8.55
C TYR C 26 29.14 -15.05 -8.53
N PHE C 27 30.05 -15.31 -7.59
CA PHE C 27 30.72 -16.59 -7.49
C PHE C 27 30.37 -17.36 -6.23
N GLY C 28 29.67 -16.74 -5.28
CA GLY C 28 29.41 -17.34 -4.00
C GLY C 28 28.20 -18.24 -3.97
N PRO C 29 27.86 -18.75 -2.79
CA PRO C 29 26.70 -19.62 -2.67
C PRO C 29 25.40 -18.86 -2.88
N GLY C 30 24.34 -19.62 -3.18
CA GLY C 30 23.04 -19.05 -3.43
C GLY C 30 22.36 -18.54 -2.17
N ALA C 31 21.04 -18.39 -2.23
CA ALA C 31 20.30 -17.87 -1.08
C ALA C 31 20.06 -18.92 -0.01
N GLU C 32 20.39 -20.19 -0.28
CA GLU C 32 20.15 -21.26 0.68
C GLU C 32 21.42 -21.83 1.30
N GLY C 33 22.56 -21.71 0.64
CA GLY C 33 23.79 -22.26 1.17
C GLY C 33 24.60 -21.29 2.00
N ILE C 34 23.92 -20.53 2.86
CA ILE C 34 24.56 -19.54 3.71
C ILE C 34 24.37 -19.82 5.19
N TYR C 35 23.69 -20.91 5.54
CA TYR C 35 23.32 -21.18 6.93
C TYR C 35 24.28 -22.19 7.54
N THR C 36 24.77 -21.90 8.74
CA THR C 36 25.57 -22.81 9.51
C THR C 36 24.76 -23.32 10.70
N GLU C 37 24.75 -24.64 10.90
CA GLU C 37 23.89 -25.27 11.87
C GLU C 37 24.71 -26.07 12.88
N GLY C 38 24.02 -26.54 13.91
CA GLY C 38 24.65 -27.31 14.96
C GLY C 38 23.63 -28.13 15.74
N LEU C 39 24.01 -28.46 16.97
CA LEU C 39 23.15 -29.27 17.82
C LEU C 39 23.51 -29.05 19.28
N MET C 40 22.50 -29.12 20.15
CA MET C 40 22.67 -28.93 21.59
C MET C 40 21.97 -30.09 22.30
N HIS C 41 22.69 -31.20 22.48
CA HIS C 41 22.11 -32.34 23.16
C HIS C 41 22.35 -32.24 24.66
N ASN C 42 21.65 -33.08 25.41
CA ASN C 42 21.42 -33.01 26.86
C ASN C 42 21.26 -31.55 27.26
N GLN C 43 21.93 -31.12 28.33
CA GLN C 43 22.01 -29.70 28.68
C GLN C 43 20.62 -29.07 28.78
N ASN C 44 19.71 -29.80 29.44
CA ASN C 44 18.31 -29.40 29.48
C ASN C 44 18.03 -28.24 30.43
N ALA C 45 18.98 -27.88 31.29
CA ALA C 45 18.76 -26.75 32.18
C ALA C 45 18.74 -25.44 31.42
N LEU C 46 19.45 -25.36 30.29
CA LEU C 46 19.51 -24.17 29.48
C LEU C 46 18.38 -24.13 28.45
N VAL C 47 18.16 -25.24 27.76
CA VAL C 47 17.21 -25.25 26.64
C VAL C 47 15.78 -25.08 27.15
N CYS C 48 15.38 -25.87 28.15
CA CYS C 48 14.02 -25.74 28.67
C CYS C 48 13.81 -24.44 29.41
N GLY C 49 14.88 -23.80 29.91
CA GLY C 49 14.79 -22.44 30.38
C GLY C 49 14.87 -21.40 29.29
N LEU C 50 15.26 -21.81 28.08
CA LEU C 50 15.24 -20.96 26.90
C LEU C 50 13.87 -20.94 26.24
N ARG C 51 13.15 -22.06 26.27
CA ARG C 51 11.80 -22.12 25.75
C ARG C 51 10.78 -21.44 26.65
N GLN C 52 11.16 -21.14 27.89
CA GLN C 52 10.29 -20.47 28.84
C GLN C 52 10.57 -18.98 28.94
N LEU C 53 11.43 -18.45 28.07
CA LEU C 53 11.60 -17.01 27.89
C LEU C 53 10.91 -16.48 26.64
N ALA C 54 10.88 -17.27 25.57
CA ALA C 54 10.14 -16.88 24.38
C ALA C 54 8.63 -16.90 24.62
N ASN C 55 8.18 -17.60 25.66
CA ASN C 55 6.78 -17.54 26.06
C ASN C 55 6.46 -16.27 26.85
N GLU C 56 7.46 -15.62 27.43
CA GLU C 56 7.28 -14.42 28.22
C GLU C 56 7.53 -13.13 27.44
N THR C 57 8.47 -13.14 26.49
CA THR C 57 8.73 -11.92 25.72
C THR C 57 7.67 -11.64 24.67
N THR C 58 6.78 -12.58 24.38
CA THR C 58 5.84 -12.41 23.27
C THR C 58 4.85 -11.28 23.53
N GLN C 59 4.38 -11.13 24.78
CA GLN C 59 3.43 -10.07 25.08
C GLN C 59 4.06 -8.70 24.89
N ALA C 60 5.27 -8.51 25.42
CA ALA C 60 5.96 -7.24 25.27
C ALA C 60 6.27 -6.95 23.81
N LEU C 61 6.65 -7.99 23.04
CA LEU C 61 6.92 -7.78 21.63
C LEU C 61 5.66 -7.37 20.88
N GLN C 62 4.53 -8.00 21.19
CA GLN C 62 3.27 -7.62 20.54
C GLN C 62 2.89 -6.17 20.86
N LEU C 63 3.03 -5.77 22.12
CA LEU C 63 2.70 -4.40 22.48
C LEU C 63 3.64 -3.40 21.81
N PHE C 64 4.94 -3.72 21.76
CA PHE C 64 5.91 -2.84 21.08
C PHE C 64 5.58 -2.71 19.60
N LEU C 65 5.26 -3.83 18.95
CA LEU C 65 4.90 -3.77 17.53
C LEU C 65 3.62 -2.97 17.31
N ARG C 66 2.67 -3.06 18.26
CA ARG C 66 1.50 -2.20 18.19
C ARG C 66 1.87 -0.74 18.26
N ALA C 67 2.82 -0.38 19.12
CA ALA C 67 3.19 1.02 19.30
C ALA C 67 3.79 1.62 18.04
N THR C 68 4.63 0.87 17.33
CA THR C 68 5.41 1.42 16.24
C THR C 68 4.55 1.60 14.98
N THR C 69 5.13 2.24 13.98
CA THR C 69 4.45 2.52 12.72
C THR C 69 5.01 1.74 11.53
N GLU C 70 6.31 1.40 11.55
CA GLU C 70 6.94 0.74 10.43
C GLU C 70 6.54 -0.74 10.38
N LEU C 71 6.73 -1.34 9.20
CA LEU C 71 6.45 -2.76 9.05
C LEU C 71 7.56 -3.61 9.65
N ARG C 72 8.77 -3.48 9.13
CA ARG C 72 9.91 -4.26 9.60
C ARG C 72 10.66 -3.49 10.68
N THR C 73 11.03 -4.19 11.75
CA THR C 73 11.73 -3.58 12.88
C THR C 73 13.04 -4.34 13.08
N TYR C 74 14.14 -3.74 12.61
CA TYR C 74 15.48 -4.30 12.77
C TYR C 74 16.25 -3.68 13.92
N THR C 75 15.69 -2.68 14.59
CA THR C 75 16.45 -1.78 15.46
C THR C 75 16.46 -2.21 16.93
N ILE C 76 15.72 -3.26 17.29
CA ILE C 76 15.47 -3.54 18.71
C ILE C 76 16.78 -3.75 19.46
N LEU C 77 17.68 -4.56 18.91
CA LEU C 77 18.93 -4.87 19.61
C LEU C 77 19.80 -3.62 19.76
N ASN C 78 19.85 -2.78 18.73
CA ASN C 78 20.58 -1.52 18.82
C ASN C 78 20.01 -0.65 19.92
N ARG C 79 18.68 -0.56 20.01
CA ARG C 79 18.05 0.24 21.06
C ARG C 79 18.38 -0.30 22.44
N LYS C 80 18.41 -1.63 22.58
CA LYS C 80 18.78 -2.23 23.86
C LYS C 80 20.21 -1.89 24.23
N ALA C 81 21.13 -1.92 23.27
CA ALA C 81 22.51 -1.54 23.56
C ALA C 81 22.61 -0.08 23.99
N ILE C 82 21.88 0.80 23.29
CA ILE C 82 21.90 2.22 23.68
C ILE C 82 21.33 2.40 25.07
N ASP C 83 20.27 1.66 25.41
CA ASP C 83 19.70 1.75 26.76
C ASP C 83 20.69 1.26 27.81
N PHE C 84 21.43 0.19 27.51
CA PHE C 84 22.47 -0.29 28.41
C PHE C 84 23.49 0.81 28.70
N LEU C 85 24.04 1.40 27.64
CA LEU C 85 25.02 2.46 27.82
C LEU C 85 24.41 3.66 28.55
N LEU C 86 23.15 3.96 28.24
CA LEU C 86 22.48 5.11 28.84
C LEU C 86 22.31 4.93 30.34
N ARG C 87 21.92 3.74 30.79
CA ARG C 87 21.90 3.51 32.23
C ARG C 87 23.30 3.65 32.82
N ARG C 88 24.26 2.91 32.24
CA ARG C 88 25.57 2.81 32.89
C ARG C 88 26.25 4.16 33.02
N TRP C 89 26.22 4.97 31.95
CA TRP C 89 27.02 6.17 31.88
C TRP C 89 26.22 7.46 31.72
N GLY C 90 24.97 7.40 31.26
CA GLY C 90 24.19 8.61 31.06
C GLY C 90 24.05 9.42 32.33
N GLY C 91 23.78 8.76 33.45
CA GLY C 91 23.87 9.43 34.73
C GLY C 91 25.30 9.53 35.21
N THR C 92 25.55 10.52 36.07
CA THR C 92 26.88 10.66 36.65
C THR C 92 27.25 9.43 37.46
N CYS C 93 28.48 8.96 37.26
CA CYS C 93 29.00 7.83 38.01
C CYS C 93 29.65 8.32 39.30
N ARG C 94 30.13 7.38 40.10
CA ARG C 94 30.83 7.70 41.34
C ARG C 94 32.04 6.79 41.47
N ILE C 95 33.04 7.27 42.21
CA ILE C 95 34.28 6.46 42.44
C ILE C 95 33.87 5.17 43.18
N LEU C 96 33.03 5.29 44.22
CA LEU C 96 32.53 4.10 44.89
C LEU C 96 31.65 3.27 43.97
N GLY C 97 30.87 3.92 43.12
CA GLY C 97 29.94 3.25 42.24
C GLY C 97 28.90 2.44 43.00
N PRO C 98 28.04 3.11 43.77
CA PRO C 98 26.96 2.36 44.44
C PRO C 98 26.04 1.66 43.47
N ASP C 99 25.51 2.40 42.48
CA ASP C 99 24.78 1.82 41.37
C ASP C 99 25.58 1.83 40.08
N CYS C 100 26.69 2.56 40.03
CA CYS C 100 27.57 2.58 38.88
C CYS C 100 28.69 1.55 39.08
N CYS C 101 29.73 1.65 38.25
CA CYS C 101 30.87 0.73 38.28
C CYS C 101 32.15 1.54 38.44
N ILE C 102 33.31 0.89 38.19
CA ILE C 102 34.65 1.44 38.32
C ILE C 102 35.18 1.28 39.75
N GLU C 103 36.48 1.03 39.87
CA GLU C 103 37.10 0.63 41.14
C GLU C 103 38.17 1.64 41.53
N PRO C 104 38.02 2.35 42.66
CA PRO C 104 39.04 3.34 43.04
C PRO C 104 40.22 2.74 43.78
N HIS C 105 41.42 2.89 43.23
CA HIS C 105 42.64 2.42 43.88
C HIS C 105 43.34 3.59 44.55
N ASP C 106 43.77 3.37 45.79
CA ASP C 106 44.45 4.41 46.56
C ASP C 106 45.94 4.11 46.69
N SER D 32 36.74 -6.57 12.22
CA SER D 32 37.08 -7.27 11.00
C SER D 32 37.10 -6.31 9.81
N MET D 33 36.18 -5.35 9.81
CA MET D 33 36.11 -4.37 8.75
C MET D 33 37.14 -3.27 8.99
N PRO D 34 38.13 -3.09 8.12
CA PRO D 34 39.16 -2.08 8.37
C PRO D 34 38.56 -0.68 8.41
N LEU D 35 39.03 0.12 9.35
CA LEU D 35 38.58 1.50 9.54
C LEU D 35 39.79 2.42 9.55
N GLY D 36 39.80 3.40 8.66
CA GLY D 36 40.90 4.34 8.58
C GLY D 36 40.65 5.58 9.42
N VAL D 37 41.70 6.02 10.10
CA VAL D 37 41.68 7.25 10.89
C VAL D 37 42.59 8.27 10.19
N VAL D 38 42.03 9.41 9.83
CA VAL D 38 42.75 10.46 9.12
C VAL D 38 43.07 11.58 10.12
N THR D 39 44.35 11.78 10.39
CA THR D 39 44.80 12.88 11.24
C THR D 39 45.89 13.65 10.52
N ASN D 40 45.71 14.98 10.43
CA ASN D 40 46.71 15.89 9.87
C ASN D 40 47.14 15.42 8.48
N SER D 41 46.15 15.05 7.68
CA SER D 41 46.36 14.52 6.32
C SER D 41 47.30 13.32 6.33
N THR D 42 46.96 12.32 7.14
CA THR D 42 47.72 11.08 7.22
C THR D 42 46.79 9.97 7.66
N LEU D 43 46.81 8.85 6.92
CA LEU D 43 45.86 7.77 7.15
C LEU D 43 46.49 6.66 7.98
N GLU D 44 45.69 6.09 8.89
CA GLU D 44 46.09 4.94 9.69
C GLU D 44 45.04 3.86 9.56
N VAL D 45 45.40 2.74 8.95
CA VAL D 45 44.49 1.59 8.89
C VAL D 45 44.46 0.92 10.26
N THR D 46 43.27 0.75 10.80
CA THR D 46 43.08 0.12 12.10
C THR D 46 41.71 -0.52 12.14
N GLU D 47 41.45 -1.25 13.21
CA GLU D 47 40.18 -1.91 13.41
C GLU D 47 39.27 -1.03 14.27
N ILE D 48 38.10 -1.57 14.63
CA ILE D 48 37.17 -0.85 15.50
C ILE D 48 37.45 -1.18 16.97
N ASP D 49 38.37 -2.09 17.24
CA ASP D 49 38.71 -2.47 18.61
C ASP D 49 40.15 -2.13 19.00
N GLN D 50 41.08 -2.14 18.06
CA GLN D 50 42.48 -1.84 18.33
C GLN D 50 42.78 -0.34 18.29
N LEU D 51 41.76 0.50 18.48
CA LEU D 51 41.98 1.94 18.43
C LEU D 51 42.90 2.41 19.55
N VAL D 52 42.77 1.82 20.74
CA VAL D 52 43.52 2.21 21.93
C VAL D 52 42.94 3.58 22.33
N CYS D 53 43.46 4.22 23.35
CA CYS D 53 42.85 5.44 23.85
C CYS D 53 43.60 6.62 23.22
N LYS D 54 43.12 7.83 23.49
CA LYS D 54 43.66 9.12 23.04
C LYS D 54 43.31 9.47 21.58
N ASP D 55 42.75 8.55 20.79
CA ASP D 55 42.26 8.90 19.46
C ASP D 55 40.77 9.25 19.55
N HIS D 56 40.52 10.50 19.92
CA HIS D 56 39.19 10.94 20.29
C HIS D 56 38.20 10.79 19.14
N LEU D 57 36.99 10.32 19.49
CA LEU D 57 35.82 10.39 18.62
C LEU D 57 34.76 11.17 19.38
N ALA D 58 34.50 12.40 18.95
CA ALA D 58 33.64 13.31 19.70
C ALA D 58 32.18 13.28 19.24
N SER D 59 31.94 13.18 17.93
CA SER D 59 30.59 13.19 17.40
C SER D 59 30.50 12.25 16.21
N THR D 60 29.29 11.80 15.91
CA THR D 60 29.06 10.94 14.77
C THR D 60 29.28 11.65 13.44
N ASP D 61 29.41 12.99 13.45
CA ASP D 61 29.64 13.73 12.22
C ASP D 61 30.93 13.29 11.54
N GLN D 62 31.98 13.05 12.32
CA GLN D 62 33.28 12.69 11.77
C GLN D 62 33.41 11.21 11.44
N LEU D 63 32.29 10.49 11.37
CA LEU D 63 32.24 9.19 10.72
C LEU D 63 31.79 9.39 9.28
N LYS D 64 32.57 8.87 8.33
CA LYS D 64 32.29 9.09 6.92
C LYS D 64 32.42 7.79 6.15
N SER D 65 31.68 7.71 5.04
CA SER D 65 31.81 6.62 4.07
C SER D 65 32.02 7.25 2.70
N VAL D 66 33.13 6.90 2.04
CA VAL D 66 33.52 7.50 0.78
C VAL D 66 33.53 6.43 -0.29
N GLY D 67 32.97 6.76 -1.46
CA GLY D 67 32.94 5.85 -2.58
C GLY D 67 33.93 6.22 -3.66
N LEU D 68 35.01 5.45 -3.79
CA LEU D 68 36.07 5.74 -4.74
C LEU D 68 35.89 4.89 -5.99
N ASN D 69 36.17 5.48 -7.14
CA ASN D 69 35.92 4.84 -8.43
C ASN D 69 37.04 3.87 -8.78
N LEU D 70 36.67 2.81 -9.52
CA LEU D 70 37.67 1.89 -10.06
C LEU D 70 38.46 2.49 -11.20
N GLU D 71 37.93 3.53 -11.85
CA GLU D 71 38.67 4.16 -12.95
C GLU D 71 39.90 4.92 -12.47
N GLY D 72 40.04 5.12 -11.16
CA GLY D 72 41.22 5.74 -10.59
C GLY D 72 42.22 4.71 -10.10
N SER D 73 42.07 3.46 -10.56
CA SER D 73 42.98 2.39 -10.20
C SER D 73 43.59 1.76 -11.46
N GLY D 74 43.59 2.50 -12.57
CA GLY D 74 44.22 2.02 -13.79
C GLY D 74 43.49 0.88 -14.46
N VAL D 75 42.28 1.15 -14.96
CA VAL D 75 41.53 0.16 -15.73
C VAL D 75 41.36 0.66 -17.16
N SER D 76 40.75 -0.16 -18.00
CA SER D 76 40.44 0.21 -19.37
C SER D 76 38.92 0.31 -19.50
N THR D 77 38.44 1.49 -19.90
CA THR D 77 37.01 1.81 -19.86
C THR D 77 36.53 2.19 -21.27
N ASP D 78 36.14 1.18 -22.03
CA ASP D 78 35.33 1.37 -23.23
C ASP D 78 33.93 0.84 -22.95
N ILE D 79 32.99 1.20 -23.83
CA ILE D 79 31.64 0.67 -23.67
C ILE D 79 31.56 -0.79 -24.14
N PRO D 80 32.27 -1.24 -25.18
CA PRO D 80 32.25 -2.68 -25.49
C PRO D 80 33.37 -3.47 -24.84
N SER D 81 34.22 -2.83 -24.03
CA SER D 81 35.30 -3.51 -23.34
C SER D 81 35.16 -3.45 -21.83
N ALA D 82 34.14 -2.77 -21.30
CA ALA D 82 33.81 -2.82 -19.88
C ALA D 82 32.66 -3.78 -19.58
N THR D 83 32.00 -4.30 -20.61
CA THR D 83 30.96 -5.30 -20.45
C THR D 83 31.52 -6.67 -20.13
N LYS D 84 32.82 -6.75 -19.88
CA LYS D 84 33.48 -8.00 -19.52
C LYS D 84 33.83 -8.06 -18.04
N ARG D 85 33.36 -7.11 -17.23
CA ARG D 85 33.53 -7.17 -15.79
C ARG D 85 32.23 -7.36 -15.04
N TRP D 86 31.09 -7.45 -15.73
CA TRP D 86 29.85 -7.86 -15.10
C TRP D 86 29.18 -8.97 -15.88
N GLY D 87 28.48 -9.83 -15.15
CA GLY D 87 27.74 -10.94 -15.73
C GLY D 87 26.54 -11.27 -14.87
N PHE D 88 25.61 -12.02 -15.45
CA PHE D 88 24.33 -12.29 -14.82
C PHE D 88 24.39 -13.53 -13.93
N ARG D 89 23.50 -13.56 -12.93
CA ARG D 89 23.37 -14.70 -12.04
C ARG D 89 21.96 -14.73 -11.46
N SER D 90 21.50 -15.94 -11.12
CA SER D 90 20.24 -16.14 -10.44
C SER D 90 20.49 -16.72 -9.06
N GLY D 91 19.65 -16.32 -8.10
CA GLY D 91 19.69 -16.87 -6.77
C GLY D 91 20.25 -15.96 -5.69
N VAL D 92 20.94 -14.89 -6.05
CA VAL D 92 21.46 -13.92 -5.08
C VAL D 92 20.52 -12.73 -5.04
N PRO D 93 19.91 -12.42 -3.89
CA PRO D 93 19.08 -11.22 -3.81
C PRO D 93 19.92 -9.97 -3.93
N PRO D 94 19.39 -8.92 -4.54
CA PRO D 94 20.13 -7.65 -4.60
C PRO D 94 20.24 -7.00 -3.24
N LYS D 95 21.35 -6.29 -3.03
CA LYS D 95 21.62 -5.58 -1.79
C LYS D 95 22.23 -4.23 -2.13
N VAL D 96 21.84 -3.19 -1.38
CA VAL D 96 22.32 -1.84 -1.61
C VAL D 96 22.82 -1.26 -0.29
N VAL D 97 23.70 -0.27 -0.41
CA VAL D 97 24.36 0.35 0.74
C VAL D 97 24.61 1.82 0.41
N SER D 98 24.47 2.67 1.42
CA SER D 98 24.59 4.11 1.23
C SER D 98 25.99 4.60 1.57
N TYR D 99 26.42 5.64 0.85
CA TYR D 99 27.68 6.33 1.13
C TYR D 99 27.45 7.83 1.12
N GLU D 100 28.26 8.54 1.89
CA GLU D 100 28.08 9.99 2.08
C GLU D 100 28.75 10.81 1.00
N ALA D 101 30.00 10.49 0.64
CA ALA D 101 30.76 11.29 -0.30
C ALA D 101 31.23 10.43 -1.46
N GLY D 102 31.22 11.00 -2.66
CA GLY D 102 31.67 10.30 -3.85
C GLY D 102 32.80 11.01 -4.55
N GLU D 103 33.16 10.54 -5.73
CA GLU D 103 34.24 11.12 -6.52
C GLU D 103 33.71 11.65 -7.83
N TRP D 104 34.57 12.37 -8.54
CA TRP D 104 34.25 12.98 -9.83
C TRP D 104 34.54 11.95 -10.91
N ALA D 105 33.48 11.31 -11.42
CA ALA D 105 33.66 10.22 -12.36
C ALA D 105 34.15 10.72 -13.72
N GLU D 106 35.19 10.07 -14.24
CA GLU D 106 35.62 10.34 -15.61
C GLU D 106 34.71 9.67 -16.63
N ASN D 107 34.13 8.52 -16.28
CA ASN D 107 33.19 7.82 -17.13
C ASN D 107 31.99 7.37 -16.32
N CYS D 108 30.81 7.48 -16.93
CA CYS D 108 29.57 6.95 -16.37
C CYS D 108 28.87 6.14 -17.44
N TYR D 109 28.06 5.17 -17.02
CA TYR D 109 27.40 4.26 -17.94
C TYR D 109 25.89 4.30 -17.77
N ASN D 110 25.19 4.03 -18.88
CA ASN D 110 23.73 4.08 -18.92
C ASN D 110 23.28 3.01 -19.92
N LEU D 111 22.84 1.87 -19.41
CA LEU D 111 22.55 0.71 -20.25
C LEU D 111 21.05 0.46 -20.34
N GLU D 112 20.61 0.07 -21.54
CA GLU D 112 19.23 -0.35 -21.77
C GLU D 112 19.31 -1.63 -22.62
N ILE D 113 19.23 -2.78 -21.96
CA ILE D 113 19.34 -4.08 -22.62
C ILE D 113 18.04 -4.83 -22.39
N LYS D 114 17.51 -5.43 -23.47
CA LYS D 114 16.27 -6.17 -23.41
C LYS D 114 16.48 -7.59 -23.94
N LYS D 115 15.70 -8.52 -23.39
CA LYS D 115 15.72 -9.90 -23.84
C LYS D 115 15.39 -9.96 -25.33
N PRO D 116 15.67 -11.09 -25.99
CA PRO D 116 15.47 -11.15 -27.44
C PRO D 116 14.08 -10.77 -27.92
N ASP D 117 13.03 -11.00 -27.13
CA ASP D 117 11.68 -10.71 -27.64
C ASP D 117 11.17 -9.33 -27.22
N GLY D 118 10.90 -9.11 -25.93
CA GLY D 118 10.39 -7.82 -25.52
C GLY D 118 10.66 -7.36 -24.10
N SER D 119 11.47 -8.09 -23.34
CA SER D 119 11.56 -7.90 -21.90
C SER D 119 12.93 -7.38 -21.51
N GLU D 120 12.96 -6.29 -20.75
CA GLU D 120 14.23 -5.74 -20.29
C GLU D 120 14.86 -6.65 -19.25
N CYS D 121 16.14 -6.99 -19.47
CA CYS D 121 16.87 -7.77 -18.48
C CYS D 121 17.04 -6.98 -17.18
N LEU D 122 17.40 -5.71 -17.30
CA LEU D 122 17.76 -4.92 -16.14
C LEU D 122 16.50 -4.47 -15.39
N PRO D 123 16.38 -4.77 -14.10
CA PRO D 123 15.19 -4.34 -13.37
C PRO D 123 15.13 -2.83 -13.26
N PRO D 124 13.93 -2.24 -13.17
CA PRO D 124 13.84 -0.80 -13.03
C PRO D 124 14.41 -0.36 -11.69
N PRO D 125 14.90 0.88 -11.59
CA PRO D 125 15.52 1.32 -10.35
C PRO D 125 14.51 1.34 -9.22
N PRO D 126 14.92 0.99 -8.01
CA PRO D 126 14.01 1.11 -6.86
C PRO D 126 13.71 2.57 -6.56
N ASP D 127 12.55 2.81 -5.95
CA ASP D 127 12.10 4.15 -5.65
C ASP D 127 13.07 4.85 -4.70
N GLY D 128 13.74 5.87 -5.20
CA GLY D 128 14.73 6.59 -4.45
C GLY D 128 16.17 6.39 -4.89
N VAL D 129 16.40 5.89 -6.10
CA VAL D 129 17.75 5.67 -6.64
C VAL D 129 17.87 6.47 -7.92
N ARG D 130 18.83 7.37 -7.97
CA ARG D 130 19.03 8.27 -9.10
C ARG D 130 20.41 8.05 -9.70
N GLY D 131 20.76 8.87 -10.69
CA GLY D 131 22.02 8.71 -11.38
C GLY D 131 23.19 9.22 -10.58
N PHE D 132 24.38 8.96 -11.10
CA PHE D 132 25.59 9.43 -10.45
C PHE D 132 25.64 10.96 -10.53
N PRO D 133 25.83 11.66 -9.40
CA PRO D 133 25.69 13.12 -9.41
C PRO D 133 26.57 13.84 -10.42
N ARG D 134 27.86 13.50 -10.48
CA ARG D 134 28.82 14.23 -11.30
C ARG D 134 29.54 13.25 -12.22
N CYS D 135 29.21 13.29 -13.50
CA CYS D 135 29.85 12.46 -14.51
C CYS D 135 30.50 13.33 -15.58
N ARG D 136 31.68 12.92 -16.02
CA ARG D 136 32.37 13.63 -17.09
C ARG D 136 31.76 13.30 -18.45
N TYR D 137 31.75 12.01 -18.81
CA TYR D 137 31.19 11.56 -20.07
C TYR D 137 30.34 10.31 -19.82
N VAL D 138 29.11 10.33 -20.29
CA VAL D 138 28.21 9.21 -20.13
C VAL D 138 28.33 8.29 -21.34
N HIS D 139 27.98 7.02 -21.14
CA HIS D 139 28.12 5.99 -22.16
C HIS D 139 26.78 5.25 -22.22
N LYS D 140 25.96 5.58 -23.21
CA LYS D 140 24.66 4.96 -23.35
C LYS D 140 24.73 3.80 -24.34
N ALA D 141 23.99 2.74 -24.05
CA ALA D 141 24.01 1.54 -24.87
C ALA D 141 22.62 0.91 -24.86
N GLN D 142 21.90 1.04 -25.97
CA GLN D 142 20.65 0.33 -26.17
C GLN D 142 20.95 -1.01 -26.84
N GLY D 143 19.92 -1.67 -27.33
CA GLY D 143 20.11 -2.88 -28.13
C GLY D 143 19.66 -4.13 -27.39
N THR D 144 19.61 -5.21 -28.16
CA THR D 144 19.13 -6.49 -27.69
C THR D 144 20.31 -7.42 -27.39
N GLY D 145 20.15 -8.26 -26.37
CA GLY D 145 21.17 -9.21 -26.02
C GLY D 145 20.63 -10.31 -25.12
N PRO D 146 21.18 -11.51 -25.25
CA PRO D 146 20.76 -12.61 -24.38
C PRO D 146 21.15 -12.36 -22.94
N CYS D 147 20.39 -12.96 -22.03
CA CYS D 147 20.49 -12.66 -20.60
C CYS D 147 20.24 -13.91 -19.79
N PRO D 148 21.25 -14.76 -19.62
CA PRO D 148 21.12 -15.91 -18.73
C PRO D 148 21.31 -15.49 -17.28
N GLY D 149 20.22 -15.41 -16.54
CA GLY D 149 20.28 -14.96 -15.17
C GLY D 149 19.33 -13.82 -14.86
N ASP D 150 18.85 -13.76 -13.62
CA ASP D 150 17.88 -12.74 -13.23
C ASP D 150 18.54 -11.37 -13.10
N TYR D 151 19.68 -11.30 -12.42
CA TYR D 151 20.33 -10.03 -12.12
C TYR D 151 21.78 -10.07 -12.58
N ALA D 152 22.34 -8.89 -12.81
CA ALA D 152 23.71 -8.74 -13.29
C ALA D 152 24.59 -8.22 -12.15
N PHE D 153 25.62 -8.99 -11.81
CA PHE D 153 26.56 -8.65 -10.76
C PHE D 153 27.93 -8.34 -11.35
N HIS D 154 28.82 -7.82 -10.51
CA HIS D 154 30.18 -7.53 -10.92
C HIS D 154 31.05 -8.77 -10.80
N LYS D 155 31.93 -8.96 -11.77
CA LYS D 155 32.80 -10.13 -11.81
C LYS D 155 34.11 -9.92 -11.06
N ASP D 156 34.31 -8.76 -10.44
CA ASP D 156 35.48 -8.47 -9.64
C ASP D 156 35.18 -8.22 -8.17
N GLY D 157 33.91 -8.10 -7.80
CA GLY D 157 33.52 -7.89 -6.42
C GLY D 157 33.22 -6.46 -6.03
N ALA D 158 33.19 -5.53 -6.99
CA ALA D 158 33.01 -4.12 -6.68
C ALA D 158 31.52 -3.73 -6.74
N PHE D 159 31.23 -2.54 -6.24
CA PHE D 159 29.89 -2.00 -6.22
C PHE D 159 29.61 -1.19 -7.48
N PHE D 160 28.33 -0.85 -7.68
CA PHE D 160 27.91 0.14 -8.65
C PHE D 160 27.39 1.35 -7.89
N LEU D 161 27.96 2.51 -8.14
CA LEU D 161 27.63 3.71 -7.37
C LEU D 161 26.52 4.50 -8.04
N TYR D 162 25.48 4.78 -7.27
CA TYR D 162 24.36 5.63 -7.66
C TYR D 162 24.37 6.85 -6.76
N ASP D 163 23.26 7.61 -6.79
CA ASP D 163 23.22 8.86 -6.05
C ASP D 163 23.20 8.60 -4.55
N ARG D 164 24.38 8.61 -3.94
CA ARG D 164 24.55 8.40 -2.49
C ARG D 164 24.04 7.02 -2.08
N LEU D 165 24.10 6.06 -2.99
CA LEU D 165 23.66 4.69 -2.72
C LEU D 165 24.44 3.75 -3.63
N ALA D 166 25.13 2.78 -3.03
CA ALA D 166 25.92 1.80 -3.76
C ALA D 166 25.22 0.46 -3.73
N SER D 167 25.11 -0.17 -4.88
CA SER D 167 24.35 -1.40 -5.04
C SER D 167 25.28 -2.55 -5.44
N THR D 168 24.69 -3.72 -5.59
CA THR D 168 25.38 -4.89 -6.12
C THR D 168 24.92 -5.24 -7.53
N VAL D 169 23.78 -4.70 -7.97
CA VAL D 169 23.23 -5.03 -9.28
C VAL D 169 23.15 -3.78 -10.15
N ILE D 170 22.68 -3.93 -11.38
CA ILE D 170 22.56 -2.85 -12.35
C ILE D 170 21.09 -2.57 -12.62
N TYR D 171 20.70 -1.30 -12.54
CA TYR D 171 19.34 -0.87 -12.85
C TYR D 171 19.32 -0.10 -14.16
N ARG D 172 18.22 -0.24 -14.89
CA ARG D 172 18.11 0.31 -16.24
C ARG D 172 17.83 1.80 -16.22
N GLY D 173 18.35 2.50 -17.23
CA GLY D 173 18.04 3.90 -17.43
C GLY D 173 18.60 4.84 -16.40
N VAL D 174 19.58 4.41 -15.61
CA VAL D 174 20.16 5.22 -14.55
C VAL D 174 21.67 5.24 -14.71
N ASN D 175 22.26 6.43 -14.60
CA ASN D 175 23.71 6.57 -14.70
C ASN D 175 24.38 5.96 -13.48
N PHE D 176 25.44 5.19 -13.71
CA PHE D 176 26.18 4.57 -12.62
C PHE D 176 27.66 4.54 -12.97
N ALA D 177 28.48 4.46 -11.92
CA ALA D 177 29.92 4.27 -12.05
C ALA D 177 30.34 3.14 -11.12
N GLU D 178 31.33 2.36 -11.54
CA GLU D 178 31.80 1.23 -10.77
C GLU D 178 32.82 1.70 -9.74
N GLY D 179 32.58 1.38 -8.48
CA GLY D 179 33.42 1.87 -7.41
C GLY D 179 33.40 1.03 -6.15
N VAL D 180 34.08 1.51 -5.10
CA VAL D 180 34.20 0.80 -3.84
C VAL D 180 34.09 1.80 -2.69
N ILE D 181 33.69 1.30 -1.53
CA ILE D 181 33.41 2.14 -0.37
C ILE D 181 34.47 1.93 0.70
N ALA D 182 34.79 3.02 1.41
CA ALA D 182 35.69 3.00 2.54
C ALA D 182 35.04 3.73 3.72
N PHE D 183 35.39 3.29 4.93
CA PHE D 183 34.82 3.82 6.16
C PHE D 183 35.92 4.49 6.97
N LEU D 184 35.69 5.73 7.39
CA LEU D 184 36.74 6.55 7.98
C LEU D 184 36.28 7.20 9.28
N ILE D 185 37.25 7.52 10.12
CA ILE D 185 37.10 8.47 11.21
C ILE D 185 38.01 9.65 10.92
N LEU D 186 37.44 10.84 10.84
CA LEU D 186 38.24 12.03 10.61
C LEU D 186 38.60 12.70 11.93
N ALA D 187 39.61 13.57 11.87
CA ALA D 187 39.97 14.41 13.00
C ALA D 187 39.00 15.58 13.07
N LYS D 188 39.34 16.63 13.82
CA LYS D 188 38.49 17.81 13.85
C LYS D 188 38.21 18.36 12.45
N PRO D 189 39.16 18.40 11.52
CA PRO D 189 38.78 18.55 10.10
C PRO D 189 37.86 17.44 9.66
N LYS D 190 36.68 17.81 9.16
CA LYS D 190 35.65 16.86 8.77
C LYS D 190 35.19 17.13 7.33
N GLU D 191 36.16 17.28 6.42
CA GLU D 191 35.89 17.65 5.04
C GLU D 191 36.56 16.63 4.12
N THR D 192 35.81 15.60 3.72
CA THR D 192 36.26 14.62 2.73
C THR D 192 35.10 13.72 2.30
N LYS E 2 48.66 1.72 -10.86
CA LYS E 2 48.29 3.06 -11.32
C LYS E 2 47.36 3.74 -10.33
N CYS E 3 47.90 4.64 -9.53
CA CYS E 3 47.13 5.39 -8.54
C CYS E 3 47.00 6.84 -8.99
N ASN E 4 45.83 7.43 -8.73
CA ASN E 4 45.57 8.80 -9.10
C ASN E 4 45.79 9.68 -7.87
N PRO E 5 46.82 10.52 -7.85
CA PRO E 5 47.10 11.31 -6.64
C PRO E 5 46.04 12.34 -6.30
N ASN E 6 45.20 12.74 -7.24
CA ASN E 6 44.22 13.80 -7.03
C ASN E 6 42.85 13.21 -6.75
N LEU E 7 42.14 13.82 -5.78
CA LEU E 7 40.80 13.38 -5.39
C LEU E 7 39.85 14.58 -5.46
N HIS E 8 38.98 14.60 -6.47
CA HIS E 8 37.94 15.61 -6.61
C HIS E 8 36.63 15.00 -6.12
N TYR E 9 36.07 15.58 -5.06
CA TYR E 9 34.98 14.95 -4.33
C TYR E 9 33.79 15.89 -4.21
N TRP E 10 32.60 15.33 -4.34
CA TRP E 10 31.36 16.03 -4.05
C TRP E 10 30.77 15.51 -2.74
N THR E 11 30.29 16.43 -1.90
CA THR E 11 29.75 16.09 -0.59
C THR E 11 28.41 16.78 -0.42
N ALA E 12 27.37 16.00 -0.13
CA ALA E 12 26.01 16.51 -0.06
C ALA E 12 25.59 16.81 1.38
N GLN E 13 26.30 17.74 2.02
CA GLN E 13 25.96 18.20 3.35
C GLN E 13 25.70 19.70 3.34
N GLU E 14 24.65 20.10 4.06
CA GLU E 14 24.22 21.49 4.13
C GLU E 14 25.02 22.24 5.18
N GLN E 15 24.66 23.51 5.39
CA GLN E 15 25.33 24.35 6.37
C GLN E 15 24.32 24.99 7.32
N ALA E 19 21.10 31.80 5.46
CA ALA E 19 20.32 32.05 4.26
C ALA E 19 18.89 32.47 4.63
N GLY E 20 18.27 33.23 3.73
CA GLY E 20 16.90 33.69 3.92
C GLY E 20 15.96 33.06 2.91
N ILE E 21 14.79 32.64 3.40
CA ILE E 21 13.72 32.01 2.63
C ILE E 21 14.29 31.04 1.59
N ALA E 22 15.24 30.20 2.01
CA ALA E 22 15.86 29.23 1.14
C ALA E 22 15.74 27.79 1.64
N TRP E 23 15.55 27.59 2.95
CA TRP E 23 15.38 26.24 3.48
C TRP E 23 14.07 25.61 3.03
N ILE E 24 13.09 26.41 2.63
CA ILE E 24 11.77 25.88 2.25
C ILE E 24 11.93 25.00 1.02
N PRO E 25 11.41 23.77 1.03
CA PRO E 25 11.53 22.93 -0.17
C PRO E 25 10.85 23.52 -1.39
N TYR E 26 9.79 24.29 -1.19
CA TYR E 26 9.10 24.93 -2.31
C TYR E 26 9.92 26.05 -2.92
N PHE E 27 10.85 26.64 -2.16
CA PHE E 27 11.71 27.70 -2.65
C PHE E 27 13.15 27.27 -2.87
N GLY E 28 13.59 26.17 -2.26
CA GLY E 28 14.98 25.81 -2.24
C GLY E 28 15.44 25.17 -3.53
N PRO E 29 16.71 24.79 -3.55
CA PRO E 29 17.29 24.20 -4.76
C PRO E 29 16.68 22.84 -5.08
N GLY E 30 16.81 22.45 -6.34
CA GLY E 30 16.25 21.20 -6.82
C GLY E 30 16.97 19.97 -6.31
N ALA E 31 16.83 18.86 -7.05
CA ALA E 31 17.47 17.60 -6.65
C ALA E 31 18.95 17.56 -6.99
N GLU E 32 19.46 18.50 -7.78
CA GLU E 32 20.86 18.49 -8.20
C GLU E 32 21.68 19.64 -7.64
N GLY E 33 21.05 20.72 -7.18
CA GLY E 33 21.78 21.85 -6.65
C GLY E 33 21.99 21.77 -5.15
N ILE E 34 22.35 20.60 -4.64
CA ILE E 34 22.50 20.38 -3.21
C ILE E 34 23.90 19.91 -2.85
N TYR E 35 24.82 19.89 -3.81
CA TYR E 35 26.15 19.34 -3.61
C TYR E 35 27.20 20.45 -3.51
N THR E 36 28.17 20.24 -2.63
CA THR E 36 29.37 21.06 -2.56
C THR E 36 30.59 20.18 -2.77
N GLU E 37 31.63 20.75 -3.39
CA GLU E 37 32.81 19.98 -3.80
C GLU E 37 34.09 20.64 -3.31
N GLY E 38 35.20 19.96 -3.55
CA GLY E 38 36.50 20.42 -3.12
C GLY E 38 37.60 19.86 -3.99
N LEU E 39 38.83 19.90 -3.47
CA LEU E 39 40.02 19.57 -4.24
C LEU E 39 41.12 19.11 -3.28
N MET E 40 41.94 18.17 -3.74
CA MET E 40 43.00 17.57 -2.92
C MET E 40 44.29 17.41 -3.71
N HIS E 41 44.74 18.47 -4.37
CA HIS E 41 45.99 18.41 -5.12
C HIS E 41 47.17 18.05 -4.22
N ASN E 42 48.11 17.32 -4.81
CA ASN E 42 49.39 16.94 -4.18
C ASN E 42 49.21 16.25 -2.83
N GLN E 43 50.29 16.18 -2.05
CA GLN E 43 50.35 15.42 -0.79
C GLN E 43 49.68 14.06 -0.94
N ASN E 44 50.20 13.28 -1.89
CA ASN E 44 49.64 11.98 -2.21
C ASN E 44 50.19 10.87 -1.31
N ALA E 45 50.13 11.11 -0.01
CA ALA E 45 50.32 10.07 1.00
C ALA E 45 49.00 9.70 1.67
N LEU E 46 47.93 10.45 1.37
CA LEU E 46 46.59 10.21 1.88
C LEU E 46 45.64 9.70 0.82
N VAL E 47 45.73 10.22 -0.40
CA VAL E 47 44.82 9.80 -1.47
C VAL E 47 45.09 8.35 -1.87
N CYS E 48 46.36 8.01 -2.12
CA CYS E 48 46.67 6.65 -2.54
C CYS E 48 46.53 5.66 -1.39
N GLY E 49 46.77 6.08 -0.16
CA GLY E 49 46.44 5.24 0.97
C GLY E 49 44.95 5.12 1.22
N LEU E 50 44.18 6.09 0.74
CA LEU E 50 42.72 6.00 0.82
C LEU E 50 42.18 4.98 -0.17
N ARG E 51 42.79 4.91 -1.36
CA ARG E 51 42.37 3.96 -2.37
C ARG E 51 42.77 2.54 -2.02
N GLN E 52 43.75 2.38 -1.14
CA GLN E 52 44.22 1.08 -0.68
C GLN E 52 43.44 0.60 0.55
N LEU E 53 42.40 1.32 0.94
CA LEU E 53 41.52 0.91 2.03
C LEU E 53 40.17 0.44 1.53
N ALA E 54 39.65 1.05 0.47
CA ALA E 54 38.36 0.62 -0.08
C ALA E 54 38.49 -0.72 -0.80
N ASN E 55 39.69 -1.07 -1.27
CA ASN E 55 39.90 -2.37 -1.89
C ASN E 55 39.89 -3.49 -0.86
N GLU E 56 40.28 -3.20 0.38
CA GLU E 56 40.27 -4.19 1.46
C GLU E 56 38.96 -4.22 2.22
N THR E 57 38.23 -3.10 2.27
CA THR E 57 36.94 -3.08 2.95
C THR E 57 35.88 -3.86 2.20
N THR E 58 36.04 -4.04 0.88
CA THR E 58 34.97 -4.64 0.09
C THR E 58 34.72 -6.10 0.48
N GLN E 59 35.75 -6.83 0.89
CA GLN E 59 35.57 -8.25 1.19
C GLN E 59 34.67 -8.44 2.42
N ALA E 60 34.95 -7.69 3.49
CA ALA E 60 34.12 -7.79 4.69
C ALA E 60 32.72 -7.24 4.44
N LEU E 61 32.61 -6.13 3.70
CA LEU E 61 31.31 -5.50 3.52
C LEU E 61 30.39 -6.37 2.66
N GLN E 62 30.93 -7.03 1.63
CA GLN E 62 30.11 -7.90 0.80
C GLN E 62 29.61 -9.11 1.59
N LEU E 63 30.32 -9.49 2.65
CA LEU E 63 29.84 -10.54 3.54
C LEU E 63 28.91 -10.01 4.63
N PHE E 64 29.09 -8.76 5.04
CA PHE E 64 28.15 -8.13 5.96
C PHE E 64 26.76 -8.03 5.34
N LEU E 65 26.70 -7.65 4.06
CA LEU E 65 25.42 -7.52 3.39
C LEU E 65 24.72 -8.87 3.25
N ARG E 66 25.48 -9.93 2.98
CA ARG E 66 24.89 -11.25 2.78
C ARG E 66 24.13 -11.73 4.01
N ALA E 67 24.56 -11.31 5.20
CA ALA E 67 23.87 -11.71 6.41
C ALA E 67 22.51 -11.02 6.55
N THR E 68 22.44 -9.73 6.25
CA THR E 68 21.24 -8.95 6.49
C THR E 68 20.13 -9.36 5.52
N THR E 69 18.91 -8.95 5.86
CA THR E 69 17.73 -9.23 5.05
C THR E 69 17.17 -8.00 4.35
N GLU E 70 17.44 -6.80 4.88
CA GLU E 70 16.89 -5.58 4.31
C GLU E 70 17.64 -5.20 3.04
N LEU E 71 16.99 -4.38 2.22
CA LEU E 71 17.62 -3.88 1.00
C LEU E 71 18.62 -2.76 1.30
N ARG E 72 18.14 -1.68 1.89
CA ARG E 72 18.97 -0.51 2.16
C ARG E 72 19.51 -0.56 3.59
N THR E 73 20.82 -0.36 3.72
CA THR E 73 21.52 -0.48 5.01
C THR E 73 22.15 0.88 5.33
N TYR E 74 21.45 1.69 6.13
CA TYR E 74 21.95 2.99 6.54
C TYR E 74 22.66 2.98 7.89
N THR E 75 22.64 1.87 8.61
CA THR E 75 22.97 1.85 10.03
C THR E 75 24.38 1.34 10.33
N ILE E 76 25.24 1.20 9.32
CA ILE E 76 26.59 0.68 9.55
C ILE E 76 27.38 1.63 10.43
N LEU E 77 27.25 2.94 10.19
CA LEU E 77 28.04 3.91 10.95
C LEU E 77 27.55 4.02 12.39
N ASN E 78 26.23 3.92 12.60
CA ASN E 78 25.70 3.91 13.95
C ASN E 78 26.14 2.65 14.70
N ARG E 79 26.19 1.52 14.01
CA ARG E 79 26.62 0.27 14.65
C ARG E 79 28.07 0.35 15.12
N LYS E 80 28.93 1.00 14.32
CA LYS E 80 30.32 1.16 14.72
C LYS E 80 30.47 2.12 15.89
N ALA E 81 29.54 3.07 16.03
CA ALA E 81 29.57 3.97 17.18
C ALA E 81 29.22 3.23 18.47
N ILE E 82 28.23 2.34 18.42
CA ILE E 82 27.88 1.54 19.59
C ILE E 82 29.02 0.60 19.95
N ASP E 83 29.63 -0.05 18.95
CA ASP E 83 30.76 -0.93 19.20
C ASP E 83 31.94 -0.16 19.80
N PHE E 84 32.09 1.11 19.43
CA PHE E 84 33.11 1.96 20.03
C PHE E 84 32.94 2.08 21.53
N LEU E 85 31.74 2.44 21.98
CA LEU E 85 31.50 2.62 23.41
C LEU E 85 31.54 1.29 24.15
N LEU E 86 31.00 0.23 23.55
CA LEU E 86 30.93 -1.05 24.23
C LEU E 86 32.32 -1.64 24.46
N ARG E 87 33.24 -1.47 23.51
CA ARG E 87 34.60 -1.97 23.71
C ARG E 87 35.33 -1.16 24.77
N ARG E 88 35.25 0.17 24.68
CA ARG E 88 35.84 1.03 25.70
C ARG E 88 35.15 0.83 27.04
N TRP E 89 33.85 1.08 27.10
CA TRP E 89 33.14 1.25 28.36
C TRP E 89 32.23 0.09 28.73
N GLY E 90 31.99 -0.86 27.83
CA GLY E 90 31.09 -1.96 28.15
C GLY E 90 31.61 -2.81 29.29
N GLY E 91 32.89 -3.17 29.23
CA GLY E 91 33.50 -3.86 30.34
C GLY E 91 33.83 -2.92 31.49
N THR E 92 34.07 -3.51 32.66
CA THR E 92 34.41 -2.72 33.83
C THR E 92 35.77 -2.04 33.64
N CYS E 93 35.82 -0.75 33.92
CA CYS E 93 37.03 0.04 33.79
C CYS E 93 37.77 0.13 35.12
N ARG E 94 39.02 0.58 35.06
CA ARG E 94 39.87 0.72 36.24
C ARG E 94 40.55 2.07 36.20
N ILE E 95 40.58 2.75 37.36
CA ILE E 95 41.29 4.03 37.45
C ILE E 95 42.79 3.82 37.29
N LEU E 96 43.29 2.62 37.61
CA LEU E 96 44.71 2.34 37.43
C LEU E 96 45.13 2.55 35.98
N GLY E 97 44.25 2.21 35.05
CA GLY E 97 44.51 2.37 33.64
C GLY E 97 45.41 1.31 33.05
N PRO E 98 45.06 0.02 33.21
CA PRO E 98 45.85 -1.00 32.52
C PRO E 98 45.60 -1.01 31.02
N ASP E 99 44.33 -0.95 30.62
CA ASP E 99 43.97 -0.82 29.21
C ASP E 99 42.88 0.22 28.96
N CYS E 100 42.21 0.73 30.00
CA CYS E 100 41.09 1.63 29.89
C CYS E 100 41.55 3.10 29.91
N CYS E 101 40.64 3.98 29.48
CA CYS E 101 40.86 5.43 29.54
C CYS E 101 40.60 5.91 30.96
N ILE E 102 40.36 7.21 31.11
CA ILE E 102 40.21 7.92 32.39
C ILE E 102 41.58 8.17 32.97
N GLU E 103 42.17 9.31 32.62
CA GLU E 103 43.51 9.66 33.07
C GLU E 103 43.50 9.93 34.57
N PRO E 104 44.32 9.23 35.35
CA PRO E 104 44.34 9.48 36.81
C PRO E 104 44.81 10.89 37.13
N HIS E 105 44.25 11.45 38.20
CA HIS E 105 44.71 12.74 38.71
C HIS E 105 44.51 12.74 40.22
N ASP E 106 45.48 13.31 40.93
CA ASP E 106 45.42 13.38 42.39
C ASP E 106 45.95 14.71 42.90
N LEU F 40 -43.86 16.93 -23.27
CA LEU F 40 -43.39 17.90 -22.29
C LEU F 40 -43.01 19.22 -22.95
N GLU F 41 -42.88 19.19 -24.27
CA GLU F 41 -42.50 20.37 -25.05
C GLU F 41 -43.70 21.11 -25.62
N LYS F 42 -44.60 20.40 -26.30
CA LYS F 42 -45.78 21.04 -26.89
C LYS F 42 -46.73 21.59 -25.84
N GLU F 43 -46.62 21.13 -24.59
CA GLU F 43 -47.46 21.69 -23.53
C GLU F 43 -47.13 23.16 -23.29
N TYR F 44 -45.84 23.51 -23.34
CA TYR F 44 -45.44 24.90 -23.10
C TYR F 44 -45.85 25.80 -24.26
N PHE F 45 -45.72 25.32 -25.49
CA PHE F 45 -46.02 26.15 -26.66
C PHE F 45 -47.52 26.38 -26.85
N ASP F 46 -48.38 25.65 -26.14
CA ASP F 46 -49.82 25.83 -26.25
C ASP F 46 -50.42 26.57 -25.06
N GLN F 47 -49.64 26.81 -24.00
CA GLN F 47 -50.12 27.54 -22.84
C GLN F 47 -49.72 29.01 -22.83
N HIS F 48 -48.59 29.35 -23.43
CA HIS F 48 -48.09 30.73 -23.47
C HIS F 48 -48.07 31.31 -24.88
N PHE F 49 -47.59 30.55 -25.86
CA PHE F 49 -47.33 31.10 -27.19
C PHE F 49 -48.51 30.91 -28.13
N PHE F 53 -48.36 33.42 -30.71
CA PHE F 53 -46.93 33.59 -30.93
C PHE F 53 -46.41 32.47 -31.82
N ARG F 54 -45.66 32.85 -32.84
CA ARG F 54 -44.96 31.89 -33.69
C ARG F 54 -43.56 31.65 -33.15
N THR F 55 -43.05 30.44 -33.34
CA THR F 55 -41.78 30.02 -32.76
C THR F 55 -40.81 29.59 -33.86
N GLU F 56 -39.57 30.03 -33.74
CA GLU F 56 -38.48 29.60 -34.62
C GLU F 56 -37.56 28.69 -33.82
N GLN F 57 -37.42 27.44 -34.26
CA GLN F 57 -36.65 26.45 -33.53
C GLN F 57 -35.73 25.72 -34.50
N LEU F 58 -34.57 25.29 -33.98
CA LEU F 58 -33.55 24.64 -34.79
C LEU F 58 -33.12 23.33 -34.14
N ILE F 59 -32.89 22.32 -34.96
CA ILE F 59 -32.28 21.07 -34.49
C ILE F 59 -30.77 21.29 -34.39
N ILE F 60 -30.20 20.97 -33.22
CA ILE F 60 -28.79 21.19 -32.96
C ILE F 60 -28.20 19.90 -32.38
N ARG F 61 -27.08 19.47 -32.95
CA ARG F 61 -26.38 18.26 -32.52
C ARG F 61 -24.92 18.39 -32.91
N ALA F 62 -24.03 17.95 -32.02
CA ALA F 62 -22.60 18.10 -32.26
C ALA F 62 -22.10 17.01 -33.20
N PRO F 63 -21.59 17.35 -34.39
CA PRO F 63 -21.16 16.32 -35.33
C PRO F 63 -19.73 15.83 -35.10
N LEU F 64 -18.87 16.69 -34.55
CA LEU F 64 -17.44 16.39 -34.45
C LEU F 64 -17.01 15.98 -33.05
N THR F 65 -17.33 16.79 -32.04
CA THR F 65 -16.84 16.55 -30.69
C THR F 65 -17.65 15.43 -30.03
N ASP F 66 -17.37 15.18 -28.75
CA ASP F 66 -18.03 14.12 -28.00
C ASP F 66 -18.30 14.63 -26.58
N LYS F 67 -18.70 13.73 -25.70
CA LYS F 67 -19.09 14.08 -24.34
C LYS F 67 -17.92 13.82 -23.38
N HIS F 68 -17.65 14.79 -22.53
CA HIS F 68 -16.56 14.73 -21.56
C HIS F 68 -17.11 14.65 -20.14
N ILE F 69 -16.21 14.67 -19.17
CA ILE F 69 -16.54 14.42 -17.77
C ILE F 69 -16.36 15.71 -16.96
N TYR F 70 -17.06 15.76 -15.83
CA TYR F 70 -16.89 16.82 -14.85
C TYR F 70 -17.41 16.31 -13.51
N GLN F 71 -17.25 17.14 -12.48
CA GLN F 71 -17.68 16.86 -11.12
C GLN F 71 -17.95 18.13 -10.33
N PRO F 72 -19.05 18.18 -9.58
CA PRO F 72 -19.28 19.35 -8.72
C PRO F 72 -18.21 19.44 -7.63
N TYR F 73 -17.96 20.67 -7.18
CA TYR F 73 -16.85 20.95 -6.29
C TYR F 73 -17.00 20.30 -4.92
N PRO F 74 -17.99 20.68 -4.08
CA PRO F 74 -18.00 20.16 -2.71
C PRO F 74 -18.24 18.66 -2.67
N SER F 75 -19.30 18.20 -3.31
CA SER F 75 -19.64 16.79 -3.35
C SER F 75 -20.38 16.53 -4.66
N GLY F 76 -20.96 15.35 -4.80
CA GLY F 76 -21.84 15.06 -5.91
C GLY F 76 -21.31 14.11 -6.97
N ALA F 77 -20.37 13.23 -6.64
CA ALA F 77 -19.95 12.13 -7.52
C ALA F 77 -19.44 12.71 -8.85
N ASP F 78 -19.60 11.95 -9.94
CA ASP F 78 -19.13 12.35 -11.26
C ASP F 78 -20.31 12.66 -12.17
N VAL F 79 -20.13 13.66 -13.03
CA VAL F 79 -21.17 14.06 -13.97
C VAL F 79 -20.60 14.22 -15.37
N PRO F 80 -21.06 13.43 -16.35
CA PRO F 80 -20.63 13.65 -17.73
C PRO F 80 -21.50 14.68 -18.44
N PHE F 81 -20.86 15.44 -19.31
CA PHE F 81 -21.51 16.54 -20.03
C PHE F 81 -21.54 16.23 -21.52
N GLY F 82 -22.71 16.44 -22.13
CA GLY F 82 -22.97 16.03 -23.49
C GLY F 82 -22.05 16.62 -24.52
N PRO F 83 -22.09 16.09 -25.74
CA PRO F 83 -21.21 16.57 -26.82
C PRO F 83 -21.37 18.06 -27.10
N PRO F 84 -22.61 18.62 -27.11
CA PRO F 84 -22.71 20.06 -27.39
C PRO F 84 -22.36 20.94 -26.20
N LEU F 85 -21.71 20.37 -25.19
CA LEU F 85 -21.43 21.06 -23.94
C LEU F 85 -19.93 21.30 -23.72
N ASP F 86 -19.16 21.43 -24.79
CA ASP F 86 -17.72 21.59 -24.71
C ASP F 86 -17.33 22.99 -25.18
N ILE F 87 -16.44 23.64 -24.44
CA ILE F 87 -15.96 24.99 -24.79
C ILE F 87 -15.34 25.00 -26.18
N GLN F 88 -14.69 23.92 -26.59
CA GLN F 88 -14.11 23.88 -27.93
C GLN F 88 -15.18 24.04 -29.00
N ILE F 89 -16.43 23.75 -28.67
CA ILE F 89 -17.54 23.89 -29.60
C ILE F 89 -18.64 24.83 -29.09
N LEU F 90 -18.76 25.05 -27.78
CA LEU F 90 -19.85 25.88 -27.25
C LEU F 90 -19.80 27.31 -27.76
N HIS F 91 -18.61 27.83 -28.07
CA HIS F 91 -18.51 29.20 -28.55
C HIS F 91 -19.31 29.41 -29.82
N GLN F 92 -19.29 28.44 -30.73
CA GLN F 92 -19.88 28.63 -32.05
C GLN F 92 -21.39 28.84 -31.97
N VAL F 93 -22.09 28.09 -31.12
CA VAL F 93 -23.54 28.15 -31.08
C VAL F 93 -24.01 29.51 -30.57
N LEU F 94 -23.22 30.17 -29.73
CA LEU F 94 -23.59 31.50 -29.26
C LEU F 94 -23.35 32.56 -30.32
N ASP F 95 -22.34 32.38 -31.17
CA ASP F 95 -22.15 33.29 -32.30
C ASP F 95 -23.33 33.22 -33.26
N LEU F 96 -23.85 32.02 -33.50
CA LEU F 96 -25.02 31.87 -34.37
C LEU F 96 -26.22 32.61 -33.81
N GLN F 97 -26.46 32.48 -32.50
CA GLN F 97 -27.64 33.10 -31.91
C GLN F 97 -27.53 34.62 -31.87
N ILE F 98 -26.34 35.13 -31.53
CA ILE F 98 -26.13 36.58 -31.51
C ILE F 98 -26.30 37.15 -32.92
N ALA F 99 -25.80 36.44 -33.93
CA ALA F 99 -26.00 36.88 -35.31
C ALA F 99 -27.49 36.88 -35.67
N ILE F 100 -28.24 35.89 -35.18
CA ILE F 100 -29.67 35.84 -35.44
C ILE F 100 -30.36 37.05 -34.81
N GLU F 101 -29.96 37.41 -33.59
CA GLU F 101 -30.54 38.59 -32.94
C GLU F 101 -30.20 39.87 -33.71
N ASN F 102 -29.11 39.86 -34.47
CA ASN F 102 -28.71 41.01 -35.27
C ASN F 102 -29.22 40.96 -36.70
N ILE F 103 -30.02 39.93 -37.06
CA ILE F 103 -30.53 39.82 -38.41
C ILE F 103 -31.55 40.92 -38.67
N THR F 104 -31.36 41.65 -39.77
CA THR F 104 -32.25 42.73 -40.17
C THR F 104 -32.84 42.42 -41.53
N ALA F 105 -34.07 42.88 -41.75
CA ALA F 105 -34.77 42.70 -43.00
C ALA F 105 -35.35 44.03 -43.45
N SER F 106 -35.44 44.21 -44.77
CA SER F 106 -35.92 45.45 -45.36
C SER F 106 -37.38 45.32 -45.74
N TYR F 107 -38.21 46.21 -45.22
CA TYR F 107 -39.62 46.29 -45.59
C TYR F 107 -39.96 47.76 -45.78
N ASP F 108 -40.44 48.12 -46.97
CA ASP F 108 -40.70 49.50 -47.34
C ASP F 108 -39.44 50.34 -47.12
N ASN F 109 -39.56 51.39 -46.30
CA ASN F 109 -38.42 52.22 -45.93
C ASN F 109 -37.93 51.93 -44.53
N GLU F 110 -38.38 50.85 -43.91
CA GLU F 110 -38.03 50.49 -42.54
C GLU F 110 -37.04 49.34 -42.52
N THR F 111 -36.23 49.29 -41.47
CA THR F 111 -35.32 48.19 -41.20
C THR F 111 -35.91 47.36 -40.06
N VAL F 112 -36.39 46.16 -40.40
CA VAL F 112 -37.08 45.31 -39.44
C VAL F 112 -36.06 44.47 -38.69
N THR F 113 -36.05 44.59 -37.36
CA THR F 113 -35.19 43.80 -36.49
C THR F 113 -36.03 42.77 -35.74
N LEU F 114 -35.33 41.85 -35.07
CA LEU F 114 -36.02 40.83 -34.28
C LEU F 114 -36.78 41.47 -33.12
N GLN F 115 -36.20 42.49 -32.49
CA GLN F 115 -36.84 43.13 -31.35
C GLN F 115 -38.16 43.80 -31.71
N ASP F 116 -38.38 44.07 -33.00
CA ASP F 116 -39.64 44.69 -33.41
C ASP F 116 -40.78 43.70 -33.40
N ILE F 117 -40.50 42.41 -33.57
CA ILE F 117 -41.52 41.38 -33.70
C ILE F 117 -41.40 40.29 -32.65
N CYS F 118 -40.36 40.28 -31.84
CA CYS F 118 -40.15 39.22 -30.87
C CYS F 118 -41.04 39.41 -29.65
N LEU F 119 -41.18 38.34 -28.87
CA LEU F 119 -41.88 38.39 -27.61
C LEU F 119 -40.94 38.91 -26.53
N ALA F 120 -41.21 40.11 -26.03
CA ALA F 120 -40.48 40.69 -24.90
C ALA F 120 -41.48 40.93 -23.79
N PRO F 121 -41.61 39.99 -22.84
CA PRO F 121 -42.66 40.10 -21.82
C PRO F 121 -42.53 41.30 -20.92
N LEU F 122 -41.33 41.87 -20.78
CA LEU F 122 -41.09 42.97 -19.85
C LEU F 122 -40.89 44.31 -20.55
N ASN F 126 -37.96 45.84 -19.77
CA ASN F 126 -36.84 45.09 -20.34
C ASN F 126 -37.22 44.68 -21.75
N THR F 127 -36.53 45.24 -22.74
CA THR F 127 -36.85 45.00 -24.14
C THR F 127 -36.13 43.79 -24.72
N ASN F 128 -35.38 43.04 -23.91
CA ASN F 128 -34.68 41.88 -24.41
C ASN F 128 -35.68 40.81 -24.87
N CYS F 129 -35.42 40.24 -26.05
CA CYS F 129 -36.30 39.23 -26.59
C CYS F 129 -36.22 37.94 -25.79
N THR F 130 -37.34 37.24 -25.70
CA THR F 130 -37.36 35.93 -25.07
C THR F 130 -36.54 34.96 -25.91
N ILE F 131 -35.52 34.37 -25.29
CA ILE F 131 -34.64 33.42 -25.97
C ILE F 131 -34.70 32.13 -25.17
N LEU F 132 -35.45 31.14 -25.66
CA LEU F 132 -35.50 29.83 -25.04
C LEU F 132 -34.28 29.04 -25.50
N SER F 133 -33.15 29.34 -24.88
CA SER F 133 -31.88 28.69 -25.16
C SER F 133 -31.14 28.50 -23.85
N VAL F 134 -30.39 27.40 -23.76
CA VAL F 134 -29.72 27.08 -22.51
C VAL F 134 -28.52 27.99 -22.28
N LEU F 135 -28.00 28.65 -23.33
CA LEU F 135 -26.98 29.66 -23.12
C LEU F 135 -27.52 30.87 -22.36
N ASN F 136 -28.85 31.01 -22.24
CA ASN F 136 -29.43 32.16 -21.56
C ASN F 136 -29.20 32.12 -20.05
N TYR F 137 -28.74 30.99 -19.51
CA TYR F 137 -28.33 30.94 -18.11
C TYR F 137 -27.15 31.85 -17.82
N PHE F 138 -26.41 32.26 -18.86
CA PHE F 138 -25.26 33.15 -18.71
C PHE F 138 -25.52 34.53 -19.29
N GLN F 139 -26.80 34.90 -19.45
CA GLN F 139 -27.24 36.21 -19.92
C GLN F 139 -26.77 36.50 -21.35
N ASN F 140 -26.41 35.46 -22.09
CA ASN F 140 -26.19 35.55 -23.54
C ASN F 140 -25.10 36.57 -23.89
N SER F 141 -23.88 36.29 -23.43
CA SER F 141 -22.74 37.12 -23.74
C SER F 141 -21.56 36.23 -24.10
N HIS F 142 -20.79 36.66 -25.11
CA HIS F 142 -19.65 35.88 -25.57
C HIS F 142 -18.40 36.07 -24.71
N SER F 143 -18.39 37.09 -23.85
CA SER F 143 -17.27 37.33 -22.95
C SER F 143 -17.54 36.83 -21.53
N VAL F 144 -18.59 36.02 -21.35
CA VAL F 144 -18.97 35.55 -20.04
C VAL F 144 -18.84 34.03 -19.90
N LEU F 145 -19.04 33.26 -20.97
CA LEU F 145 -19.01 31.81 -20.89
C LEU F 145 -17.60 31.24 -20.85
N ASP F 146 -16.59 32.07 -20.60
CA ASP F 146 -15.22 31.63 -20.42
C ASP F 146 -14.72 31.91 -19.01
N HIS F 147 -15.64 32.11 -18.06
CA HIS F 147 -15.29 32.68 -16.78
C HIS F 147 -14.70 31.61 -15.85
N LYS F 148 -13.96 32.07 -14.85
CA LYS F 148 -13.31 31.17 -13.91
C LYS F 148 -13.23 31.84 -12.54
N LYS F 149 -13.12 31.01 -11.50
CA LYS F 149 -12.97 31.51 -10.14
C LYS F 149 -11.90 30.78 -9.33
N GLY F 150 -11.48 29.59 -9.75
CA GLY F 150 -10.61 28.76 -8.93
C GLY F 150 -9.17 29.27 -8.88
N ASP F 151 -8.29 28.36 -8.48
CA ASP F 151 -6.88 28.69 -8.24
C ASP F 151 -6.03 27.60 -8.88
N ASP F 152 -4.75 27.58 -8.52
CA ASP F 152 -3.85 26.53 -8.97
C ASP F 152 -4.09 25.21 -8.27
N PHE F 153 -5.15 25.10 -7.46
CA PHE F 153 -5.54 23.85 -6.83
C PHE F 153 -6.93 23.40 -7.24
N PHE F 154 -7.94 24.28 -7.13
CA PHE F 154 -9.33 23.94 -7.35
C PHE F 154 -9.93 24.84 -8.42
N VAL F 155 -11.04 24.38 -8.98
CA VAL F 155 -11.91 25.21 -9.82
C VAL F 155 -13.28 25.17 -9.17
N TYR F 156 -13.57 26.15 -8.32
CA TYR F 156 -14.78 26.13 -7.52
C TYR F 156 -16.03 26.16 -8.40
N ALA F 157 -16.07 27.08 -9.36
CA ALA F 157 -17.27 27.25 -10.17
C ALA F 157 -16.88 27.73 -11.56
N ASP F 158 -17.65 27.28 -12.54
CA ASP F 158 -17.49 27.67 -13.94
C ASP F 158 -18.82 27.40 -14.64
N TYR F 159 -18.78 27.37 -15.98
CA TYR F 159 -19.98 27.04 -16.75
C TYR F 159 -20.57 25.71 -16.32
N HIS F 160 -19.73 24.75 -15.94
CA HIS F 160 -20.22 23.44 -15.52
C HIS F 160 -21.14 23.54 -14.31
N THR F 161 -20.61 24.07 -13.20
CA THR F 161 -21.40 24.11 -11.97
C THR F 161 -22.62 25.01 -12.11
N HIS F 162 -22.49 26.12 -12.84
CA HIS F 162 -23.66 26.94 -13.16
C HIS F 162 -24.66 26.16 -13.99
N PHE F 163 -24.18 25.30 -14.88
CA PHE F 163 -25.06 24.43 -15.66
C PHE F 163 -25.90 23.54 -14.74
N LEU F 164 -25.24 22.83 -13.81
CA LEU F 164 -25.94 21.83 -13.01
C LEU F 164 -26.95 22.47 -12.08
N TYR F 165 -26.65 23.65 -11.55
CA TYR F 165 -27.59 24.32 -10.66
C TYR F 165 -28.75 24.93 -11.43
N CYS F 166 -28.47 25.53 -12.60
CA CYS F 166 -29.52 26.21 -13.36
C CYS F 166 -30.60 25.24 -13.82
N VAL F 167 -30.20 24.04 -14.28
CA VAL F 167 -31.18 23.08 -14.75
C VAL F 167 -32.07 22.59 -13.61
N ARG F 168 -31.62 22.73 -12.37
CA ARG F 168 -32.44 22.38 -11.21
C ARG F 168 -33.23 23.57 -10.67
N ALA F 169 -32.66 24.77 -10.73
CA ALA F 169 -33.32 26.00 -10.27
C ALA F 169 -33.21 27.05 -11.36
N PRO F 170 -34.01 26.95 -12.43
CA PRO F 170 -33.91 27.94 -13.52
C PRO F 170 -34.27 29.35 -13.11
N ALA F 171 -35.08 29.52 -12.06
CA ALA F 171 -35.55 30.84 -11.65
C ALA F 171 -34.68 31.49 -10.59
N SER F 172 -33.58 30.86 -10.21
CA SER F 172 -32.73 31.40 -9.14
C SER F 172 -31.92 32.58 -9.62
N LEU F 173 -31.73 33.55 -8.74
CA LEU F 173 -30.87 34.70 -8.99
C LEU F 173 -29.46 34.50 -8.44
N ASN F 174 -29.17 33.34 -7.87
CA ASN F 174 -27.85 33.07 -7.29
C ASN F 174 -27.64 31.56 -7.32
N ASP F 175 -26.54 31.13 -7.93
CA ASP F 175 -26.24 29.71 -8.08
C ASP F 175 -25.63 29.09 -6.81
N THR F 176 -25.55 29.86 -5.72
CA THR F 176 -25.07 29.39 -4.43
C THR F 176 -23.61 28.95 -4.47
N SER F 177 -22.95 29.12 -5.62
CA SER F 177 -21.53 28.86 -5.74
C SER F 177 -20.74 30.09 -5.29
N LEU F 178 -19.42 30.02 -5.43
CA LEU F 178 -18.59 31.17 -5.10
C LEU F 178 -18.70 32.29 -6.11
N LEU F 179 -19.39 32.06 -7.24
CA LEU F 179 -19.53 33.07 -8.27
C LEU F 179 -20.85 33.83 -8.23
N HIS F 180 -21.85 33.32 -7.51
CA HIS F 180 -23.16 33.95 -7.34
C HIS F 180 -23.70 34.52 -8.66
N ASP F 181 -23.66 33.68 -9.70
CA ASP F 181 -24.15 34.06 -11.02
C ASP F 181 -25.63 33.69 -11.14
N PRO F 182 -26.50 34.62 -11.51
CA PRO F 182 -27.93 34.31 -11.62
C PRO F 182 -28.22 33.35 -12.77
N CYS F 183 -29.28 32.57 -12.59
CA CYS F 183 -29.73 31.63 -13.63
C CYS F 183 -30.81 32.20 -14.53
N LEU F 184 -31.43 33.31 -14.14
CA LEU F 184 -32.50 33.89 -14.95
C LEU F 184 -31.99 34.37 -16.29
N GLY F 185 -32.86 34.28 -17.30
CA GLY F 185 -32.49 34.68 -18.64
C GLY F 185 -32.46 36.19 -18.82
N THR F 186 -31.98 36.60 -19.98
CA THR F 186 -31.87 38.02 -20.29
C THR F 186 -33.23 38.68 -20.45
N PHE F 187 -34.30 37.91 -20.66
CA PHE F 187 -35.65 38.46 -20.79
C PHE F 187 -36.38 38.52 -19.47
N GLY F 188 -35.73 38.17 -18.36
CA GLY F 188 -36.35 38.26 -17.05
C GLY F 188 -37.14 37.05 -16.61
N GLY F 189 -37.01 35.92 -17.31
CA GLY F 189 -37.74 34.74 -16.95
C GLY F 189 -36.86 33.50 -16.91
N PRO F 190 -37.31 32.49 -16.17
CA PRO F 190 -36.53 31.25 -16.08
C PRO F 190 -36.54 30.48 -17.38
N VAL F 191 -35.48 29.70 -17.58
CA VAL F 191 -35.28 28.90 -18.79
C VAL F 191 -35.37 27.44 -18.36
N PHE F 192 -36.50 26.80 -18.66
CA PHE F 192 -36.69 25.40 -18.27
C PHE F 192 -35.80 24.52 -19.13
N PRO F 193 -34.93 23.70 -18.52
CA PRO F 193 -33.96 22.94 -19.32
C PRO F 193 -34.57 21.95 -20.29
N TRP F 194 -35.71 21.34 -19.96
CA TRP F 194 -36.29 20.34 -20.86
C TRP F 194 -36.77 20.97 -22.17
N LEU F 195 -37.00 22.27 -22.20
CA LEU F 195 -37.37 22.96 -23.43
C LEU F 195 -36.16 23.39 -24.24
N VAL F 196 -34.95 23.33 -23.67
CA VAL F 196 -33.73 23.78 -24.32
C VAL F 196 -32.69 22.68 -24.42
N LEU F 197 -33.03 21.45 -24.05
CA LEU F 197 -32.11 20.33 -24.12
C LEU F 197 -32.84 19.10 -24.65
N GLY F 198 -32.07 18.18 -25.21
CA GLY F 198 -32.62 16.96 -25.76
C GLY F 198 -31.56 15.90 -25.93
N GLY F 199 -32.01 14.66 -26.06
CA GLY F 199 -31.11 13.53 -26.16
C GLY F 199 -30.56 13.04 -24.84
N TYR F 200 -31.07 13.53 -23.72
CA TYR F 200 -30.61 13.12 -22.40
C TYR F 200 -31.50 12.01 -21.84
N ASP F 201 -30.97 11.32 -20.84
CA ASP F 201 -31.66 10.21 -20.20
C ASP F 201 -32.20 10.65 -18.84
N ASP F 202 -33.50 10.48 -18.65
CA ASP F 202 -34.20 10.80 -17.38
C ASP F 202 -33.96 12.28 -17.08
N GLN F 203 -33.47 12.63 -15.89
CA GLN F 203 -33.20 14.01 -15.52
C GLN F 203 -31.73 14.36 -15.57
N ASN F 204 -30.92 13.51 -16.23
CA ASN F 204 -29.48 13.78 -16.39
C ASN F 204 -29.29 14.70 -17.59
N TYR F 205 -29.68 15.96 -17.40
CA TYR F 205 -29.67 16.94 -18.48
C TYR F 205 -28.26 17.21 -19.01
N ASN F 206 -27.24 16.96 -18.19
CA ASN F 206 -25.87 17.13 -18.64
C ASN F 206 -25.53 16.16 -19.78
N ASN F 207 -26.23 15.04 -19.86
CA ASN F 207 -26.02 14.05 -20.91
C ASN F 207 -26.74 14.39 -22.21
N ALA F 208 -27.37 15.56 -22.30
CA ALA F 208 -28.12 15.92 -23.48
C ALA F 208 -27.21 16.10 -24.69
N THR F 209 -27.64 15.55 -25.83
CA THR F 209 -26.93 15.71 -27.09
C THR F 209 -27.54 16.79 -27.96
N ALA F 210 -28.57 17.48 -27.50
CA ALA F 210 -29.23 18.54 -28.24
C ALA F 210 -29.35 19.78 -27.36
N LEU F 211 -29.12 20.94 -27.97
CA LEU F 211 -29.23 22.22 -27.29
C LEU F 211 -30.30 23.01 -28.04
N VAL F 212 -31.53 22.95 -27.52
CA VAL F 212 -32.67 23.50 -28.24
C VAL F 212 -32.73 25.01 -28.05
N ILE F 213 -32.87 25.74 -29.15
CA ILE F 213 -33.02 27.18 -29.15
C ILE F 213 -34.35 27.52 -29.81
N THR F 214 -35.14 28.36 -29.15
CA THR F 214 -36.47 28.74 -29.65
C THR F 214 -36.59 30.25 -29.63
N PHE F 215 -37.05 30.83 -30.74
CA PHE F 215 -37.30 32.26 -30.83
C PHE F 215 -38.80 32.51 -30.94
N PRO F 216 -39.47 32.92 -29.87
CA PRO F 216 -40.90 33.27 -29.98
C PRO F 216 -41.10 34.57 -30.74
N VAL F 217 -41.99 34.55 -31.72
CA VAL F 217 -42.28 35.70 -32.56
C VAL F 217 -43.79 35.92 -32.58
N ASN F 218 -44.19 37.19 -32.46
CA ASN F 218 -45.62 37.53 -32.48
C ASN F 218 -46.27 37.04 -33.76
N ASN F 219 -47.44 36.40 -33.61
CA ASN F 219 -48.16 35.90 -34.78
C ASN F 219 -48.73 37.04 -35.62
N TYR F 220 -49.17 38.11 -34.96
CA TYR F 220 -49.78 39.27 -35.63
C TYR F 220 -50.97 38.84 -36.49
N TYR F 221 -51.81 37.96 -35.96
CA TYR F 221 -53.01 37.56 -36.68
C TYR F 221 -54.01 38.70 -36.78
N ASN F 222 -54.05 39.58 -35.78
CA ASN F 222 -54.99 40.69 -35.74
C ASN F 222 -54.49 41.94 -36.47
N ASP F 223 -53.21 41.97 -36.87
CA ASP F 223 -52.63 43.12 -37.55
C ASP F 223 -51.87 42.62 -38.78
N THR F 224 -52.41 42.92 -39.96
CA THR F 224 -51.77 42.46 -41.20
C THR F 224 -50.45 43.17 -41.45
N GLU F 225 -50.40 44.48 -41.17
CA GLU F 225 -49.19 45.25 -41.46
C GLU F 225 -48.00 44.75 -40.63
N LYS F 226 -48.23 44.48 -39.35
CA LYS F 226 -47.15 43.92 -38.53
C LYS F 226 -46.79 42.50 -38.96
N LEU F 227 -47.75 41.75 -39.50
CA LEU F 227 -47.47 40.41 -40.01
C LEU F 227 -46.53 40.46 -41.20
N GLN F 228 -46.71 41.44 -42.08
CA GLN F 228 -45.82 41.56 -43.25
C GLN F 228 -44.38 41.80 -42.83
N ARG F 229 -44.16 42.67 -41.84
CA ARG F 229 -42.80 42.90 -41.36
C ARG F 229 -42.24 41.67 -40.66
N ALA F 230 -43.09 40.94 -39.93
CA ALA F 230 -42.64 39.72 -39.28
C ALA F 230 -42.24 38.66 -40.30
N GLN F 231 -43.01 38.53 -41.38
CA GLN F 231 -42.66 37.57 -42.42
C GLN F 231 -41.38 37.96 -43.15
N ALA F 232 -41.14 39.26 -43.34
CA ALA F 232 -39.92 39.70 -43.99
C ALA F 232 -38.69 39.30 -43.19
N TRP F 233 -38.74 39.47 -41.87
CA TRP F 233 -37.62 39.05 -41.02
C TRP F 233 -37.46 37.54 -41.02
N GLU F 234 -38.58 36.80 -41.06
CA GLU F 234 -38.51 35.35 -41.06
C GLU F 234 -37.82 34.82 -42.31
N LYS F 235 -38.08 35.42 -43.46
CA LYS F 235 -37.45 34.97 -44.70
C LYS F 235 -35.94 35.12 -44.63
N GLU F 236 -35.46 36.25 -44.12
CA GLU F 236 -34.02 36.43 -43.93
C GLU F 236 -33.46 35.45 -42.90
N PHE F 237 -34.22 35.21 -41.83
CA PHE F 237 -33.74 34.32 -40.78
C PHE F 237 -33.57 32.88 -41.29
N ILE F 238 -34.52 32.41 -42.10
CA ILE F 238 -34.43 31.04 -42.63
C ILE F 238 -33.23 30.90 -43.56
N ASN F 239 -33.02 31.88 -44.44
CA ASN F 239 -31.91 31.80 -45.38
C ASN F 239 -30.57 31.84 -44.66
N PHE F 240 -30.43 32.69 -43.65
CA PHE F 240 -29.17 32.79 -42.92
C PHE F 240 -28.87 31.50 -42.17
N VAL F 241 -29.87 30.91 -41.52
CA VAL F 241 -29.65 29.70 -40.74
C VAL F 241 -29.33 28.51 -41.64
N LYS F 242 -30.09 28.34 -42.72
CA LYS F 242 -29.94 27.16 -43.56
C LYS F 242 -28.63 27.15 -44.33
N ASN F 243 -27.96 28.29 -44.45
CA ASN F 243 -26.66 28.37 -45.12
C ASN F 243 -25.59 28.92 -44.18
N TYR F 244 -25.66 28.54 -42.91
CA TYR F 244 -24.65 28.95 -41.92
C TYR F 244 -23.46 28.03 -42.07
N LYS F 245 -22.33 28.56 -42.57
CA LYS F 245 -21.15 27.77 -42.88
C LYS F 245 -20.34 27.58 -41.60
N ASN F 246 -20.54 26.44 -40.95
CA ASN F 246 -19.79 26.09 -39.75
C ASN F 246 -19.76 24.58 -39.59
N PRO F 247 -18.65 23.93 -39.97
CA PRO F 247 -18.59 22.46 -39.89
C PRO F 247 -18.70 21.94 -38.46
N ASN F 248 -18.40 22.74 -37.45
CA ASN F 248 -18.50 22.30 -36.07
C ASN F 248 -19.94 22.19 -35.58
N LEU F 249 -20.91 22.67 -36.36
CA LEU F 249 -22.31 22.62 -35.98
C LEU F 249 -23.14 21.99 -37.09
N THR F 250 -24.18 21.26 -36.69
CA THR F 250 -25.16 20.70 -37.62
C THR F 250 -26.51 21.32 -37.27
N ILE F 251 -27.02 22.17 -38.15
CA ILE F 251 -28.21 22.96 -37.89
C ILE F 251 -29.27 22.63 -38.93
N SER F 252 -30.45 22.25 -38.47
CA SER F 252 -31.62 22.08 -39.32
C SER F 252 -32.82 22.66 -38.55
N PHE F 253 -34.02 22.45 -39.08
CA PHE F 253 -35.23 23.00 -38.49
C PHE F 253 -36.04 21.90 -37.82
N THR F 254 -37.15 22.31 -37.20
CA THR F 254 -38.01 21.42 -36.42
C THR F 254 -37.23 20.74 -35.30
N SER G 32 23.21 21.81 16.48
CA SER G 32 22.60 22.72 15.53
C SER G 32 21.09 22.65 15.59
N MET G 33 20.56 21.45 15.77
CA MET G 33 19.12 21.26 15.87
C MET G 33 18.68 21.48 17.31
N PRO G 34 17.84 22.49 17.59
CA PRO G 34 17.50 22.81 18.98
C PRO G 34 16.81 21.64 19.67
N LEU G 35 17.08 21.52 20.97
CA LEU G 35 16.51 20.46 21.79
C LEU G 35 16.01 21.06 23.09
N GLY G 36 14.78 20.71 23.47
CA GLY G 36 14.15 21.26 24.66
C GLY G 36 14.21 20.28 25.82
N VAL G 37 14.56 20.82 26.99
CA VAL G 37 14.69 20.03 28.20
C VAL G 37 13.58 20.44 29.15
N VAL G 38 12.66 19.52 29.42
CA VAL G 38 11.51 19.78 30.28
C VAL G 38 11.87 19.32 31.69
N THR G 39 12.10 20.27 32.59
CA THR G 39 12.43 19.99 33.99
C THR G 39 11.41 20.69 34.88
N ASN G 40 10.58 19.90 35.56
CA ASN G 40 9.62 20.39 36.54
C ASN G 40 8.75 21.47 35.89
N SER G 41 8.06 21.08 34.82
CA SER G 41 7.09 21.93 34.14
C SER G 41 7.68 23.26 33.67
N THR G 42 8.98 23.29 33.41
CA THR G 42 9.65 24.46 32.83
C THR G 42 10.53 24.00 31.67
N LEU G 43 10.53 24.78 30.60
CA LEU G 43 11.23 24.41 29.38
C LEU G 43 12.54 25.18 29.25
N GLU G 44 13.60 24.46 28.88
CA GLU G 44 14.90 25.04 28.59
C GLU G 44 15.33 24.63 27.19
N VAL G 45 15.77 25.61 26.40
CA VAL G 45 16.23 25.37 25.04
C VAL G 45 17.73 25.25 25.04
N THR G 46 18.25 24.14 24.53
CA THR G 46 19.68 23.90 24.48
C THR G 46 19.97 23.05 23.26
N GLU G 47 21.18 22.50 23.19
CA GLU G 47 21.57 21.64 22.08
C GLU G 47 22.05 20.30 22.60
N ILE G 48 22.64 19.47 21.74
CA ILE G 48 23.22 18.21 22.15
C ILE G 48 24.73 18.33 22.37
N ASP G 49 25.26 19.54 22.38
CA ASP G 49 26.66 19.79 22.69
C ASP G 49 26.86 20.76 23.84
N GLN G 50 26.04 21.81 23.93
CA GLN G 50 26.25 22.82 24.97
C GLN G 50 25.95 22.30 26.36
N LEU G 51 24.98 21.38 26.47
CA LEU G 51 24.69 20.76 27.76
C LEU G 51 25.91 19.99 28.25
N VAL G 52 26.24 20.15 29.53
CA VAL G 52 27.42 19.46 30.05
C VAL G 52 27.01 18.24 30.88
N CYS G 53 26.38 18.46 32.03
CA CYS G 53 25.67 17.43 32.78
C CYS G 53 24.84 18.10 33.87
N LYS G 54 24.37 17.29 34.84
CA LYS G 54 23.32 17.63 35.78
C LYS G 54 21.97 17.73 35.11
N ASP G 55 21.85 17.16 33.91
CA ASP G 55 20.62 17.03 33.14
C ASP G 55 20.52 15.62 32.60
N HIS G 56 20.68 14.65 33.50
CA HIS G 56 20.96 13.28 33.13
C HIS G 56 19.86 12.68 32.26
N LEU G 57 20.28 11.93 31.25
CA LEU G 57 19.38 11.15 30.41
C LEU G 57 19.59 9.69 30.77
N ALA G 58 18.51 9.03 31.20
CA ALA G 58 18.60 7.67 31.72
C ALA G 58 18.17 6.60 30.74
N SER G 59 17.21 6.89 29.86
CA SER G 59 16.72 5.89 28.93
C SER G 59 16.25 6.58 27.65
N THR G 60 16.15 5.78 26.58
CA THR G 60 15.63 6.30 25.32
C THR G 60 14.15 6.66 25.41
N ASP G 61 13.46 6.23 26.48
CA ASP G 61 12.03 6.49 26.60
C ASP G 61 11.73 7.98 26.69
N GLN G 62 12.61 8.74 27.35
CA GLN G 62 12.37 10.14 27.64
C GLN G 62 12.82 11.07 26.51
N LEU G 63 13.26 10.51 25.39
CA LEU G 63 13.45 11.28 24.16
C LEU G 63 12.15 11.25 23.37
N LYS G 64 11.55 12.43 23.16
CA LYS G 64 10.20 12.54 22.62
C LYS G 64 10.21 13.46 21.41
N SER G 65 9.36 13.15 20.43
CA SER G 65 9.16 14.00 19.27
C SER G 65 7.67 14.31 19.14
N VAL G 66 7.33 15.60 19.15
CA VAL G 66 5.95 16.05 19.24
C VAL G 66 5.65 16.97 18.06
N GLY G 67 4.45 16.83 17.49
CA GLY G 67 4.02 17.68 16.40
C GLY G 67 2.90 18.62 16.80
N LEU G 68 3.19 19.92 16.84
CA LEU G 68 2.25 20.92 17.31
C LEU G 68 1.56 21.58 16.12
N ASN G 69 0.23 21.70 16.21
CA ASN G 69 -0.57 22.21 15.10
C ASN G 69 -0.28 23.68 14.84
N LEU G 70 -0.38 24.06 13.57
CA LEU G 70 -0.17 25.44 13.16
C LEU G 70 -1.43 26.28 13.18
N GLU G 71 -2.61 25.65 13.17
CA GLU G 71 -3.85 26.40 13.28
C GLU G 71 -3.98 27.08 14.64
N GLY G 72 -3.24 26.64 15.64
CA GLY G 72 -3.31 27.21 16.97
C GLY G 72 -2.29 28.29 17.23
N SER G 73 -1.69 28.81 16.16
CA SER G 73 -0.71 29.89 16.26
C SER G 73 -1.20 31.15 15.56
N GLY G 74 -2.52 31.31 15.46
CA GLY G 74 -3.10 32.53 14.93
C GLY G 74 -3.13 32.63 13.41
N VAL G 75 -3.85 31.74 12.75
CA VAL G 75 -4.05 31.79 11.31
C VAL G 75 -5.55 31.77 11.03
N SER G 76 -5.90 31.86 9.74
CA SER G 76 -7.30 31.86 9.30
C SER G 76 -7.47 30.76 8.28
N THR G 77 -8.37 29.81 8.57
CA THR G 77 -8.48 28.58 7.78
C THR G 77 -9.92 28.40 7.30
N ASP G 78 -10.14 28.57 6.00
CA ASP G 78 -11.32 28.09 5.30
C ASP G 78 -10.83 27.07 4.27
N ILE G 79 -11.73 26.55 3.44
CA ILE G 79 -11.31 25.62 2.39
C ILE G 79 -10.68 26.34 1.19
N PRO G 80 -11.17 27.49 0.71
CA PRO G 80 -10.45 28.17 -0.37
C PRO G 80 -9.48 29.24 0.10
N SER G 81 -9.41 29.51 1.40
CA SER G 81 -8.52 30.52 1.96
C SER G 81 -7.27 29.93 2.58
N ALA G 82 -7.20 28.61 2.74
CA ALA G 82 -6.00 27.92 3.17
C ALA G 82 -5.18 27.38 2.02
N THR G 83 -5.73 27.37 0.81
CA THR G 83 -5.00 26.95 -0.37
C THR G 83 -3.92 27.97 -0.76
N LYS G 84 -4.01 29.18 -0.23
CA LYS G 84 -3.00 30.21 -0.44
C LYS G 84 -1.72 29.93 0.33
N ARG G 85 -1.65 28.85 1.09
CA ARG G 85 -0.48 28.52 1.89
C ARG G 85 0.35 27.38 1.34
N TRP G 86 -0.08 26.75 0.24
CA TRP G 86 0.71 25.68 -0.35
C TRP G 86 0.51 25.67 -1.85
N GLY G 87 1.52 25.14 -2.55
CA GLY G 87 1.54 25.10 -4.00
C GLY G 87 2.40 23.95 -4.49
N PHE G 88 2.55 23.88 -5.81
CA PHE G 88 3.21 22.75 -6.47
C PHE G 88 4.64 23.12 -6.88
N ARG G 89 5.50 22.09 -6.96
CA ARG G 89 6.85 22.23 -7.48
C ARG G 89 7.29 20.88 -8.06
N SER G 90 8.18 20.94 -9.05
CA SER G 90 8.83 19.78 -9.61
C SER G 90 10.31 19.80 -9.31
N GLY G 91 10.89 18.61 -9.15
CA GLY G 91 12.31 18.47 -8.93
C GLY G 91 12.73 18.18 -7.50
N VAL G 92 11.85 18.39 -6.53
CA VAL G 92 12.15 18.12 -5.13
C VAL G 92 11.52 16.77 -4.76
N PRO G 93 12.31 15.76 -4.42
CA PRO G 93 11.74 14.47 -4.01
C PRO G 93 11.10 14.58 -2.64
N PRO G 94 10.00 13.85 -2.40
CA PRO G 94 9.31 13.94 -1.12
C PRO G 94 10.12 13.31 0.02
N LYS G 95 9.84 13.78 1.23
CA LYS G 95 10.47 13.27 2.43
C LYS G 95 9.42 13.18 3.54
N VAL G 96 9.71 12.34 4.53
CA VAL G 96 8.77 12.11 5.63
C VAL G 96 9.56 11.75 6.90
N VAL G 97 9.07 12.21 8.05
CA VAL G 97 9.63 11.87 9.34
C VAL G 97 8.51 11.37 10.25
N SER G 98 8.90 10.88 11.41
CA SER G 98 7.96 10.33 12.39
C SER G 98 7.97 11.18 13.66
N TYR G 99 6.78 11.39 14.22
CA TYR G 99 6.63 12.09 15.49
C TYR G 99 5.80 11.23 16.42
N GLU G 100 6.13 11.28 17.70
CA GLU G 100 5.59 10.30 18.65
C GLU G 100 4.24 10.73 19.19
N ALA G 101 4.10 12.00 19.58
CA ALA G 101 2.88 12.50 20.20
C ALA G 101 2.34 13.68 19.40
N GLY G 102 1.01 13.79 19.34
CA GLY G 102 0.37 14.83 18.57
C GLY G 102 -0.61 15.68 19.34
N GLU G 103 -1.39 16.49 18.63
CA GLU G 103 -2.32 17.42 19.24
C GLU G 103 -3.67 17.37 18.53
N TRP G 104 -4.73 17.68 19.28
CA TRP G 104 -6.06 17.80 18.70
C TRP G 104 -6.08 18.82 17.56
N ALA G 105 -6.40 18.34 16.36
CA ALA G 105 -6.53 19.22 15.20
C ALA G 105 -7.93 19.83 15.19
N GLU G 106 -7.99 21.16 15.14
CA GLU G 106 -9.27 21.84 15.07
C GLU G 106 -9.89 21.74 13.67
N ASN G 107 -9.06 21.74 12.63
CA ASN G 107 -9.53 21.67 11.25
C ASN G 107 -8.60 20.77 10.46
N CYS G 108 -9.15 19.69 9.90
CA CYS G 108 -8.42 18.82 9.00
C CYS G 108 -8.94 18.99 7.58
N TYR G 109 -8.15 18.51 6.62
CA TYR G 109 -8.48 18.62 5.21
C TYR G 109 -8.32 17.27 4.52
N ASN G 110 -9.19 17.01 3.54
CA ASN G 110 -9.19 15.76 2.79
C ASN G 110 -9.42 16.12 1.33
N LEU G 111 -8.38 16.01 0.52
CA LEU G 111 -8.39 16.53 -0.84
C LEU G 111 -8.21 15.41 -1.85
N GLU G 112 -9.00 15.45 -2.91
CA GLU G 112 -8.84 14.57 -4.07
C GLU G 112 -8.89 15.47 -5.30
N ILE G 113 -7.72 15.79 -5.85
CA ILE G 113 -7.60 16.74 -6.94
C ILE G 113 -7.36 15.98 -8.24
N LYS G 114 -8.00 16.43 -9.31
CA LYS G 114 -7.83 15.84 -10.63
C LYS G 114 -7.45 16.94 -11.62
N LYS G 115 -6.60 16.58 -12.58
CA LYS G 115 -6.09 17.53 -13.55
C LYS G 115 -7.22 18.00 -14.45
N PRO G 116 -7.04 19.14 -15.14
CA PRO G 116 -8.12 19.66 -16.00
C PRO G 116 -8.66 18.63 -16.98
N ASP G 117 -7.80 17.81 -17.57
CA ASP G 117 -8.23 16.65 -18.35
C ASP G 117 -7.35 15.45 -18.04
N GLY G 118 -6.97 15.30 -16.78
CA GLY G 118 -6.09 14.21 -16.38
C GLY G 118 -6.71 13.30 -15.33
N SER G 119 -5.87 12.50 -14.67
CA SER G 119 -6.38 11.53 -13.72
C SER G 119 -6.37 12.04 -12.28
N GLU G 120 -5.20 12.32 -11.73
CA GLU G 120 -5.11 12.84 -10.36
C GLU G 120 -3.83 13.67 -10.23
N CYS G 121 -3.93 14.75 -9.47
CA CYS G 121 -2.74 15.54 -9.13
C CYS G 121 -2.02 14.95 -7.93
N LEU G 122 -2.72 14.76 -6.83
CA LEU G 122 -2.08 14.31 -5.60
C LEU G 122 -1.71 12.84 -5.71
N PRO G 123 -0.57 12.45 -5.15
CA PRO G 123 -0.14 11.05 -5.21
C PRO G 123 -0.95 10.20 -4.24
N PRO G 124 -1.13 8.92 -4.54
CA PRO G 124 -1.70 8.00 -3.56
C PRO G 124 -0.80 7.92 -2.33
N PRO G 125 -1.37 7.85 -1.13
CA PRO G 125 -0.55 7.83 0.07
C PRO G 125 0.36 6.62 0.10
N PRO G 126 1.61 6.79 0.53
CA PRO G 126 2.52 5.64 0.62
C PRO G 126 2.03 4.65 1.65
N ASP G 127 2.35 3.38 1.42
CA ASP G 127 1.89 2.32 2.31
C ASP G 127 2.37 2.57 3.74
N GLY G 128 1.45 2.49 4.68
CA GLY G 128 1.74 2.76 6.07
C GLY G 128 1.41 4.16 6.53
N VAL G 129 0.60 4.91 5.77
CA VAL G 129 0.22 6.27 6.13
C VAL G 129 -1.30 6.30 6.23
N ARG G 130 -1.80 6.77 7.37
CA ARG G 130 -3.23 6.89 7.62
C ARG G 130 -3.57 8.36 7.89
N GLY G 131 -4.85 8.62 8.16
CA GLY G 131 -5.29 9.96 8.43
C GLY G 131 -4.95 10.42 9.83
N PHE G 132 -5.12 11.72 10.05
CA PHE G 132 -4.84 12.28 11.37
C PHE G 132 -5.81 11.69 12.40
N PRO G 133 -5.31 11.12 13.50
CA PRO G 133 -6.22 10.39 14.41
C PRO G 133 -7.35 11.22 14.97
N ARG G 134 -7.11 12.47 15.33
CA ARG G 134 -8.07 13.28 16.08
C ARG G 134 -8.34 14.58 15.34
N CYS G 135 -9.40 14.59 14.52
CA CYS G 135 -9.86 15.79 13.84
C CYS G 135 -11.19 16.24 14.40
N ARG G 136 -11.34 17.56 14.57
CA ARG G 136 -12.61 18.13 15.02
C ARG G 136 -13.59 18.23 13.87
N TYR G 137 -13.23 18.99 12.84
CA TYR G 137 -14.04 19.12 11.63
C TYR G 137 -13.14 18.83 10.44
N VAL G 138 -13.67 18.12 9.45
CA VAL G 138 -12.92 17.73 8.25
C VAL G 138 -13.50 18.48 7.06
N HIS G 139 -12.64 19.16 6.31
CA HIS G 139 -13.04 19.88 5.11
C HIS G 139 -12.79 18.96 3.91
N LYS G 140 -13.82 18.21 3.53
CA LYS G 140 -13.72 17.37 2.35
C LYS G 140 -13.67 18.21 1.09
N ALA G 141 -13.00 17.66 0.06
CA ALA G 141 -12.93 18.32 -1.23
C ALA G 141 -12.48 17.31 -2.27
N GLN G 142 -13.27 17.15 -3.33
CA GLN G 142 -12.83 16.44 -4.53
C GLN G 142 -13.12 17.41 -5.66
N GLY G 143 -12.06 17.98 -6.23
CA GLY G 143 -12.21 18.99 -7.26
C GLY G 143 -11.29 18.75 -8.44
N THR G 144 -11.54 19.53 -9.48
CA THR G 144 -10.71 19.62 -10.67
C THR G 144 -10.01 20.97 -10.71
N GLY G 145 -8.74 20.97 -11.11
CA GLY G 145 -7.99 22.19 -11.21
C GLY G 145 -6.64 22.00 -11.88
N PRO G 146 -6.02 23.10 -12.30
CA PRO G 146 -4.67 23.00 -12.88
C PRO G 146 -3.67 22.60 -11.81
N CYS G 147 -2.57 22.00 -12.26
CA CYS G 147 -1.57 21.45 -11.34
C CYS G 147 -0.19 21.55 -11.99
N PRO G 148 0.41 22.73 -11.95
CA PRO G 148 1.79 22.84 -12.46
C PRO G 148 2.81 22.35 -11.45
N GLY G 149 3.33 21.15 -11.65
CA GLY G 149 4.27 20.55 -10.69
C GLY G 149 3.85 19.17 -10.25
N ASP G 150 4.84 18.34 -9.94
CA ASP G 150 4.57 16.96 -9.57
C ASP G 150 3.94 16.85 -8.19
N TYR G 151 4.46 17.58 -7.22
CA TYR G 151 4.04 17.44 -5.83
C TYR G 151 3.68 18.80 -5.25
N ALA G 152 2.85 18.78 -4.21
CA ALA G 152 2.35 20.00 -3.57
C ALA G 152 3.09 20.20 -2.24
N PHE G 153 3.87 21.26 -2.16
CA PHE G 153 4.63 21.60 -0.97
C PHE G 153 4.01 22.80 -0.26
N HIS G 154 4.39 22.97 1.00
CA HIS G 154 3.93 24.10 1.79
C HIS G 154 4.75 25.34 1.45
N LYS G 155 4.08 26.49 1.41
CA LYS G 155 4.70 27.75 1.04
C LYS G 155 5.28 28.49 2.24
N ASP G 156 5.30 27.85 3.40
CA ASP G 156 5.84 28.45 4.61
C ASP G 156 6.91 27.60 5.28
N GLY G 157 7.10 26.35 4.86
CA GLY G 157 8.11 25.47 5.42
C GLY G 157 7.61 24.50 6.47
N ALA G 158 6.31 24.51 6.77
CA ALA G 158 5.76 23.62 7.79
C ALA G 158 5.53 22.22 7.20
N PHE G 159 5.08 21.30 8.05
CA PHE G 159 4.80 19.93 7.65
C PHE G 159 3.30 19.72 7.49
N PHE G 160 2.96 18.66 6.76
CA PHE G 160 1.60 18.12 6.75
C PHE G 160 1.60 16.86 7.59
N LEU G 161 0.85 16.88 8.69
CA LEU G 161 0.89 15.80 9.66
C LEU G 161 -0.14 14.72 9.34
N TYR G 162 0.30 13.48 9.37
CA TYR G 162 -0.52 12.29 9.19
C TYR G 162 -0.45 11.47 10.48
N ASP G 163 -0.91 10.22 10.40
CA ASP G 163 -0.94 9.39 11.60
C ASP G 163 0.48 9.04 12.03
N ARG G 164 1.03 9.85 12.94
CA ARG G 164 2.37 9.68 13.50
C ARG G 164 3.46 9.72 12.43
N LEU G 165 3.17 10.33 11.29
CA LEU G 165 4.14 10.56 10.24
C LEU G 165 3.91 11.95 9.66
N ALA G 166 4.98 12.71 9.51
CA ALA G 166 4.91 14.06 8.96
C ALA G 166 5.73 14.14 7.67
N SER G 167 5.11 14.64 6.61
CA SER G 167 5.73 14.72 5.30
C SER G 167 5.73 16.15 4.81
N THR G 168 6.40 16.36 3.68
CA THR G 168 6.48 17.66 3.04
C THR G 168 5.53 17.81 1.85
N VAL G 169 4.75 16.78 1.53
CA VAL G 169 3.84 16.80 0.41
C VAL G 169 2.44 16.41 0.89
N ILE G 170 1.47 16.54 -0.01
CA ILE G 170 0.07 16.26 0.29
C ILE G 170 -0.34 15.01 -0.48
N TYR G 171 -0.92 14.04 0.23
CA TYR G 171 -1.41 12.80 -0.38
C TYR G 171 -2.92 12.83 -0.45
N ARG G 172 -3.46 11.97 -1.31
CA ARG G 172 -4.86 12.03 -1.70
C ARG G 172 -5.72 11.15 -0.80
N GLY G 173 -6.85 11.69 -0.36
CA GLY G 173 -7.83 10.92 0.40
C GLY G 173 -7.44 10.62 1.82
N VAL G 174 -6.48 11.34 2.38
CA VAL G 174 -5.99 11.09 3.74
C VAL G 174 -6.10 12.38 4.53
N ASN G 175 -6.63 12.29 5.74
CA ASN G 175 -6.82 13.46 6.58
C ASN G 175 -5.47 13.97 7.08
N PHE G 176 -5.23 15.27 6.91
CA PHE G 176 -3.96 15.86 7.32
C PHE G 176 -4.20 17.19 8.01
N ALA G 177 -3.27 17.56 8.87
CA ALA G 177 -3.25 18.87 9.50
C ALA G 177 -1.85 19.46 9.34
N GLU G 178 -1.78 20.78 9.28
CA GLU G 178 -0.51 21.47 9.09
C GLU G 178 0.11 21.78 10.46
N GLY G 179 1.31 21.26 10.68
CA GLY G 179 2.02 21.46 11.93
C GLY G 179 3.51 21.33 11.74
N VAL G 180 4.27 21.28 12.83
CA VAL G 180 5.72 21.18 12.76
C VAL G 180 6.23 20.50 14.02
N ILE G 181 7.32 19.73 13.86
CA ILE G 181 7.82 18.83 14.89
C ILE G 181 8.81 19.55 15.80
N ALA G 182 8.74 19.23 17.09
CA ALA G 182 9.74 19.63 18.08
C ALA G 182 10.31 18.37 18.73
N PHE G 183 11.53 18.49 19.23
CA PHE G 183 12.24 17.37 19.85
C PHE G 183 12.51 17.71 21.31
N LEU G 184 12.21 16.78 22.20
CA LEU G 184 12.25 17.04 23.64
C LEU G 184 13.02 15.95 24.38
N ILE G 185 13.66 16.37 25.48
CA ILE G 185 14.11 15.46 26.54
C ILE G 185 13.28 15.77 27.77
N LEU G 186 12.65 14.75 28.34
CA LEU G 186 11.82 14.91 29.52
C LEU G 186 12.52 14.32 30.73
N ALA G 187 12.49 15.06 31.84
CA ALA G 187 13.12 14.61 33.08
C ALA G 187 12.21 13.64 33.82
N LYS H 2 -0.31 36.06 19.50
CA LYS H 2 -1.27 35.04 19.10
C LYS H 2 -0.79 33.65 19.47
N CYS H 3 -0.77 33.35 20.76
CA CYS H 3 -0.41 32.04 21.27
C CYS H 3 -1.63 31.40 21.92
N ASN H 4 -1.76 30.09 21.75
CA ASN H 4 -2.86 29.34 22.35
C ASN H 4 -2.37 28.73 23.65
N PRO H 5 -2.80 29.22 24.82
CA PRO H 5 -2.28 28.67 26.09
C PRO H 5 -2.76 27.26 26.40
N ASN H 6 -3.66 26.70 25.61
CA ASN H 6 -4.30 25.41 25.93
C ASN H 6 -3.79 24.33 24.99
N LEU H 7 -3.39 23.19 25.56
CA LEU H 7 -2.85 22.07 24.79
C LEU H 7 -3.55 20.78 25.21
N HIS H 8 -4.24 20.15 24.27
CA HIS H 8 -4.85 18.84 24.47
C HIS H 8 -4.14 17.85 23.54
N TYR H 9 -3.44 16.88 24.14
CA TYR H 9 -2.55 16.02 23.39
C TYR H 9 -3.04 14.57 23.41
N TRP H 10 -2.81 13.88 22.31
CA TRP H 10 -3.01 12.45 22.18
C TRP H 10 -1.68 11.73 22.09
N THR H 11 -1.57 10.61 22.81
CA THR H 11 -0.32 9.89 22.98
C THR H 11 -0.56 8.43 22.60
N ALA H 12 0.18 7.95 21.61
CA ALA H 12 0.00 6.58 21.11
C ALA H 12 1.05 5.65 21.71
N GLN H 13 1.00 5.49 23.03
CA GLN H 13 1.86 4.55 23.75
C GLN H 13 1.04 3.67 24.67
N GLU H 14 1.49 2.43 24.83
CA GLU H 14 0.76 1.39 25.52
C GLU H 14 1.01 1.45 27.03
N GLN H 15 0.45 0.47 27.74
CA GLN H 15 0.56 0.36 29.20
C GLN H 15 0.95 -1.09 29.48
N HIS H 16 2.23 -1.31 29.80
CA HIS H 16 2.80 -2.65 29.78
C HIS H 16 2.44 -3.49 31.00
N ASN H 17 2.23 -2.86 32.16
CA ASN H 17 2.04 -3.63 33.39
C ASN H 17 0.80 -4.51 33.33
N ALA H 18 -0.27 -4.04 32.68
CA ALA H 18 -1.54 -4.76 32.67
C ALA H 18 -2.05 -4.96 31.26
N ALA H 19 -2.83 -6.02 31.07
CA ALA H 19 -3.49 -6.31 29.81
C ALA H 19 -4.61 -7.32 30.00
N GLY H 20 -4.37 -8.57 29.63
CA GLY H 20 -5.33 -9.63 29.82
C GLY H 20 -6.16 -9.89 28.57
N ILE H 21 -5.85 -10.97 27.86
CA ILE H 21 -6.42 -11.36 26.57
C ILE H 21 -6.76 -10.12 25.72
N ALA H 22 -5.91 -9.10 25.80
CA ALA H 22 -6.08 -7.89 25.01
C ALA H 22 -4.83 -7.50 24.26
N TRP H 23 -3.68 -8.09 24.59
CA TRP H 23 -2.46 -7.88 23.82
C TRP H 23 -2.44 -8.66 22.52
N ILE H 24 -3.30 -9.66 22.38
CA ILE H 24 -3.38 -10.41 21.13
C ILE H 24 -3.96 -9.52 20.04
N PRO H 25 -3.29 -9.36 18.90
CA PRO H 25 -3.86 -8.54 17.82
C PRO H 25 -5.21 -9.03 17.33
N TYR H 26 -5.46 -10.33 17.39
CA TYR H 26 -6.76 -10.86 16.96
C TYR H 26 -7.85 -10.58 17.99
N PHE H 27 -7.48 -10.17 19.20
CA PHE H 27 -8.44 -9.73 20.22
C PHE H 27 -8.34 -8.26 20.56
N GLY H 28 -7.24 -7.59 20.23
CA GLY H 28 -7.00 -6.26 20.75
C GLY H 28 -7.73 -5.19 19.99
N PRO H 29 -7.51 -3.94 20.40
CA PRO H 29 -8.17 -2.82 19.73
C PRO H 29 -7.69 -2.65 18.30
N GLY H 30 -8.54 -2.04 17.48
CA GLY H 30 -8.23 -1.82 16.08
C GLY H 30 -7.19 -0.75 15.85
N ALA H 31 -7.22 -0.10 14.70
CA ALA H 31 -6.20 0.88 14.35
C ALA H 31 -6.45 2.25 14.98
N GLU H 32 -7.60 2.47 15.62
CA GLU H 32 -7.92 3.77 16.18
C GLU H 32 -8.09 3.79 17.70
N GLY H 33 -8.25 2.64 18.35
CA GLY H 33 -8.47 2.62 19.78
C GLY H 33 -7.24 2.38 20.63
N ILE H 34 -6.12 3.02 20.29
CA ILE H 34 -4.86 2.78 20.98
C ILE H 34 -4.28 4.02 21.62
N TYR H 35 -4.98 5.15 21.57
CA TYR H 35 -4.42 6.44 21.92
C TYR H 35 -4.83 6.87 23.32
N THR H 36 -3.86 7.34 24.11
CA THR H 36 -4.11 7.93 25.41
C THR H 36 -4.03 9.45 25.29
N GLU H 37 -4.94 10.15 25.97
CA GLU H 37 -5.15 11.57 25.76
C GLU H 37 -4.88 12.33 27.07
N GLY H 38 -4.90 13.66 26.97
CA GLY H 38 -4.64 14.50 28.13
C GLY H 38 -4.98 15.94 27.86
N LEU H 39 -4.59 16.81 28.79
CA LEU H 39 -4.87 18.24 28.66
C LEU H 39 -3.85 19.01 29.50
N MET H 40 -3.59 20.25 29.07
CA MET H 40 -2.55 21.07 29.69
C MET H 40 -3.01 22.52 29.87
N HIS H 41 -4.21 22.71 30.41
CA HIS H 41 -4.73 24.06 30.61
C HIS H 41 -3.82 24.87 31.53
N ASN H 42 -3.93 26.20 31.41
CA ASN H 42 -3.23 27.19 32.22
C ASN H 42 -1.72 26.94 32.27
N GLN H 43 -1.04 27.58 33.22
CA GLN H 43 0.42 27.55 33.34
C GLN H 43 1.08 27.69 31.96
N ASN H 44 0.81 28.84 31.33
CA ASN H 44 1.11 29.07 29.93
C ASN H 44 2.55 29.47 29.67
N ALA H 45 3.47 29.25 30.60
CA ALA H 45 4.88 29.49 30.34
C ALA H 45 5.54 28.34 29.59
N LEU H 46 4.89 27.18 29.54
CA LEU H 46 5.42 26.02 28.85
C LEU H 46 4.91 25.90 27.43
N VAL H 47 3.59 25.95 27.24
CA VAL H 47 3.01 25.72 25.92
C VAL H 47 3.38 26.84 24.95
N CYS H 48 3.37 28.10 25.42
CA CYS H 48 3.78 29.19 24.54
C CYS H 48 5.28 29.21 24.32
N GLY H 49 6.06 28.77 25.30
CA GLY H 49 7.48 28.59 25.07
C GLY H 49 7.84 27.36 24.27
N LEU H 50 6.87 26.46 24.07
CA LEU H 50 7.06 25.26 23.29
C LEU H 50 6.59 25.42 21.85
N ARG H 51 5.67 26.35 21.60
CA ARG H 51 5.38 26.76 20.23
C ARG H 51 6.53 27.55 19.64
N GLN H 52 7.35 28.20 20.48
CA GLN H 52 8.50 28.95 20.04
C GLN H 52 9.72 28.07 19.80
N LEU H 53 9.60 26.77 20.08
CA LEU H 53 10.63 25.79 19.73
C LEU H 53 10.32 25.07 18.44
N ALA H 54 9.04 24.76 18.19
CA ALA H 54 8.64 24.14 16.94
C ALA H 54 8.88 25.06 15.76
N ASN H 55 8.80 26.37 15.98
CA ASN H 55 9.09 27.33 14.92
C ASN H 55 10.58 27.45 14.64
N GLU H 56 11.43 27.10 15.60
CA GLU H 56 12.87 27.26 15.44
C GLU H 56 13.53 26.02 14.85
N THR H 57 13.09 24.83 15.24
CA THR H 57 13.63 23.60 14.69
C THR H 57 13.09 23.28 13.30
N THR H 58 12.23 24.15 12.75
CA THR H 58 11.72 23.91 11.41
C THR H 58 12.83 23.97 10.38
N GLN H 59 13.69 24.99 10.46
CA GLN H 59 14.73 25.18 9.46
C GLN H 59 15.75 24.04 9.50
N ALA H 60 16.17 23.66 10.71
CA ALA H 60 17.16 22.58 10.83
C ALA H 60 16.60 21.25 10.34
N LEU H 61 15.33 20.97 10.65
CA LEU H 61 14.74 19.70 10.26
C LEU H 61 14.59 19.59 8.75
N GLN H 62 14.21 20.69 8.09
CA GLN H 62 14.11 20.68 6.63
C GLN H 62 15.46 20.44 5.98
N LEU H 63 16.52 21.08 6.51
CA LEU H 63 17.84 20.91 5.93
C LEU H 63 18.41 19.53 6.19
N PHE H 64 18.08 18.92 7.33
CA PHE H 64 18.54 17.57 7.59
C PHE H 64 17.94 16.57 6.60
N LEU H 65 16.65 16.73 6.30
CA LEU H 65 15.97 15.77 5.42
C LEU H 65 16.48 15.88 3.99
N ARG H 66 16.95 17.06 3.58
CA ARG H 66 17.45 17.22 2.23
C ARG H 66 18.64 16.34 1.95
N ALA H 67 19.57 16.23 2.92
CA ALA H 67 20.76 15.42 2.74
C ALA H 67 20.44 13.93 2.81
N THR H 68 19.50 13.53 3.65
CA THR H 68 19.21 12.12 3.84
C THR H 68 18.57 11.53 2.59
N THR H 69 18.93 10.28 2.29
CA THR H 69 18.44 9.62 1.09
C THR H 69 17.23 8.72 1.37
N GLU H 70 17.06 8.24 2.59
CA GLU H 70 15.92 7.39 2.89
C GLU H 70 14.64 8.22 2.94
N LEU H 71 13.51 7.52 2.83
CA LEU H 71 12.23 8.20 2.83
C LEU H 71 11.76 8.52 4.24
N ARG H 72 11.58 7.50 5.06
CA ARG H 72 11.13 7.65 6.44
C ARG H 72 12.32 7.68 7.38
N THR H 73 12.33 8.64 8.30
CA THR H 73 13.44 8.84 9.24
C THR H 73 12.94 8.55 10.65
N TYR H 74 13.27 7.36 11.16
CA TYR H 74 12.92 6.97 12.52
C TYR H 74 14.06 7.14 13.51
N THR H 75 15.27 7.43 13.03
CA THR H 75 16.47 7.34 13.86
C THR H 75 16.98 8.70 14.34
N ILE H 76 16.17 9.75 14.24
CA ILE H 76 16.62 11.05 14.73
C ILE H 76 16.86 11.01 16.24
N LEU H 77 15.96 10.36 16.98
CA LEU H 77 16.10 10.30 18.43
C LEU H 77 17.23 9.37 18.84
N ASN H 78 17.41 8.26 18.12
CA ASN H 78 18.48 7.31 18.46
C ASN H 78 19.85 7.92 18.25
N ARG H 79 20.03 8.70 17.18
CA ARG H 79 21.31 9.34 16.91
C ARG H 79 21.67 10.33 18.02
N LYS H 80 20.68 11.08 18.50
CA LYS H 80 20.93 12.10 19.51
C LYS H 80 21.33 11.47 20.85
N ALA H 81 20.87 10.25 21.11
CA ALA H 81 21.32 9.54 22.30
C ALA H 81 22.78 9.11 22.17
N ILE H 82 23.17 8.64 20.97
CA ILE H 82 24.56 8.28 20.74
C ILE H 82 25.46 9.51 20.83
N ASP H 83 25.01 10.63 20.25
CA ASP H 83 25.78 11.86 20.33
C ASP H 83 25.90 12.36 21.76
N PHE H 84 24.97 11.99 22.64
CA PHE H 84 25.07 12.37 24.04
C PHE H 84 26.25 11.68 24.72
N LEU H 85 26.38 10.37 24.52
CA LEU H 85 27.45 9.62 25.16
C LEU H 85 28.82 9.96 24.57
N LEU H 86 28.88 10.17 23.25
CA LEU H 86 30.16 10.46 22.60
C LEU H 86 30.77 11.76 23.11
N ARG H 87 29.93 12.78 23.32
CA ARG H 87 30.44 14.03 23.89
C ARG H 87 30.96 13.82 25.31
N ARG H 88 30.23 13.06 26.11
CA ARG H 88 30.64 12.82 27.49
C ARG H 88 31.82 11.85 27.55
N TRP H 89 31.64 10.65 27.00
CA TRP H 89 32.52 9.52 27.24
C TRP H 89 33.40 9.15 26.07
N GLY H 90 33.11 9.65 24.87
CA GLY H 90 34.02 9.43 23.75
C GLY H 90 35.39 10.02 24.00
N GLY H 91 35.43 11.24 24.53
CA GLY H 91 36.68 11.82 24.98
C GLY H 91 37.06 11.36 26.37
N THR H 92 38.32 11.59 26.73
CA THR H 92 38.81 11.19 28.04
C THR H 92 38.46 12.24 29.09
N CYS H 93 37.87 11.81 30.20
CA CYS H 93 37.71 12.65 31.37
C CYS H 93 38.84 12.46 32.38
N ARG H 94 38.92 13.42 33.29
CA ARG H 94 39.89 13.47 34.36
C ARG H 94 39.14 13.38 35.67
N ILE H 95 39.82 12.92 36.72
CA ILE H 95 39.17 12.79 38.01
C ILE H 95 38.64 14.13 38.49
N LEU H 96 39.47 15.18 38.37
CA LEU H 96 38.99 16.52 38.70
C LEU H 96 37.87 16.95 37.75
N GLY H 97 38.03 16.66 36.45
CA GLY H 97 36.98 16.86 35.48
C GLY H 97 36.72 18.32 35.12
N PRO H 98 37.71 18.97 34.49
CA PRO H 98 37.47 20.35 34.03
C PRO H 98 36.32 20.46 33.02
N ASP H 99 36.23 19.50 32.09
CA ASP H 99 35.14 19.45 31.13
C ASP H 99 34.32 18.17 31.22
N CYS H 100 34.51 17.36 32.26
CA CYS H 100 33.75 16.13 32.42
C CYS H 100 33.22 16.02 33.85
N CYS H 101 32.25 15.12 34.01
CA CYS H 101 31.50 14.86 35.23
C CYS H 101 32.22 13.81 36.08
N ILE H 102 31.47 12.99 36.84
CA ILE H 102 31.95 12.06 37.87
C ILE H 102 32.77 12.84 38.88
N GLU H 103 32.08 13.61 39.72
CA GLU H 103 32.70 14.32 40.83
C GLU H 103 33.26 13.34 41.86
N PRO H 104 34.46 13.56 42.38
CA PRO H 104 34.99 12.71 43.44
C PRO H 104 34.39 13.05 44.80
N HIS H 105 34.48 12.07 45.70
CA HIS H 105 34.01 12.23 47.07
C HIS H 105 34.97 11.54 48.02
N ASP H 106 35.35 12.23 49.09
CA ASP H 106 36.30 11.70 50.05
C ASP H 106 35.62 10.82 51.09
#